data_1JJD
# 
_entry.id   1JJD 
# 
_audit_conform.dict_name       mmcif_pdbx.dic 
_audit_conform.dict_version    5.391 
_audit_conform.dict_location   http://mmcif.pdb.org/dictionaries/ascii/mmcif_pdbx.dic 
# 
loop_
_database_2.database_id 
_database_2.database_code 
_database_2.pdbx_database_accession 
_database_2.pdbx_DOI 
PDB   1JJD         pdb_00001jjd 10.2210/pdb1jjd/pdb 
RCSB  RCSB013840   ?            ?                   
WWPDB D_1000013840 ?            ?                   
# 
loop_
_pdbx_audit_revision_history.ordinal 
_pdbx_audit_revision_history.data_content_type 
_pdbx_audit_revision_history.major_revision 
_pdbx_audit_revision_history.minor_revision 
_pdbx_audit_revision_history.revision_date 
1 'Structure model' 1 0 2001-08-22 
2 'Structure model' 1 1 2008-04-27 
3 'Structure model' 1 2 2011-07-13 
4 'Structure model' 1 3 2024-05-01 
# 
_pdbx_audit_revision_details.ordinal             1 
_pdbx_audit_revision_details.revision_ordinal    1 
_pdbx_audit_revision_details.data_content_type   'Structure model' 
_pdbx_audit_revision_details.provider            repository 
_pdbx_audit_revision_details.type                'Initial release' 
_pdbx_audit_revision_details.description         ? 
_pdbx_audit_revision_details.details             ? 
# 
loop_
_pdbx_audit_revision_group.ordinal 
_pdbx_audit_revision_group.revision_ordinal 
_pdbx_audit_revision_group.data_content_type 
_pdbx_audit_revision_group.group 
1 2 'Structure model' 'Version format compliance' 
2 3 'Structure model' 'Source and taxonomy'       
3 3 'Structure model' 'Version format compliance' 
4 4 'Structure model' 'Data collection'           
5 4 'Structure model' 'Database references'       
6 4 'Structure model' 'Derived calculations'      
# 
loop_
_pdbx_audit_revision_category.ordinal 
_pdbx_audit_revision_category.revision_ordinal 
_pdbx_audit_revision_category.data_content_type 
_pdbx_audit_revision_category.category 
1 4 'Structure model' chem_comp_atom         
2 4 'Structure model' chem_comp_bond         
3 4 'Structure model' database_2             
4 4 'Structure model' pdbx_nmr_software      
5 4 'Structure model' pdbx_struct_conn_angle 
6 4 'Structure model' struct_conn            
7 4 'Structure model' struct_site            
# 
loop_
_pdbx_audit_revision_item.ordinal 
_pdbx_audit_revision_item.revision_ordinal 
_pdbx_audit_revision_item.data_content_type 
_pdbx_audit_revision_item.item 
1  4 'Structure model' '_database_2.pdbx_DOI'                        
2  4 'Structure model' '_database_2.pdbx_database_accession'         
3  4 'Structure model' '_pdbx_nmr_software.name'                     
4  4 'Structure model' '_pdbx_struct_conn_angle.ptnr1_auth_seq_id'   
5  4 'Structure model' '_pdbx_struct_conn_angle.ptnr1_label_seq_id'  
6  4 'Structure model' '_pdbx_struct_conn_angle.ptnr2_auth_seq_id'   
7  4 'Structure model' '_pdbx_struct_conn_angle.ptnr2_label_asym_id' 
8  4 'Structure model' '_pdbx_struct_conn_angle.ptnr3_auth_comp_id'  
9  4 'Structure model' '_pdbx_struct_conn_angle.ptnr3_auth_seq_id'   
10 4 'Structure model' '_pdbx_struct_conn_angle.ptnr3_label_atom_id' 
11 4 'Structure model' '_pdbx_struct_conn_angle.ptnr3_label_comp_id' 
12 4 'Structure model' '_pdbx_struct_conn_angle.ptnr3_label_seq_id'  
13 4 'Structure model' '_pdbx_struct_conn_angle.value'               
14 4 'Structure model' '_struct_conn.pdbx_dist_value'                
15 4 'Structure model' '_struct_conn.ptnr1_auth_comp_id'             
16 4 'Structure model' '_struct_conn.ptnr1_auth_seq_id'              
17 4 'Structure model' '_struct_conn.ptnr1_label_atom_id'            
18 4 'Structure model' '_struct_conn.ptnr1_label_comp_id'            
19 4 'Structure model' '_struct_conn.ptnr1_label_seq_id'             
20 4 'Structure model' '_struct_conn.ptnr2_auth_seq_id'              
21 4 'Structure model' '_struct_conn.ptnr2_label_asym_id'            
22 4 'Structure model' '_struct_site.pdbx_auth_asym_id'              
23 4 'Structure model' '_struct_site.pdbx_auth_comp_id'              
24 4 'Structure model' '_struct_site.pdbx_auth_seq_id'               
# 
_pdbx_database_status.status_code                     REL 
_pdbx_database_status.entry_id                        1JJD 
_pdbx_database_status.recvd_initial_deposition_date   2001-07-04 
_pdbx_database_status.deposit_site                    RCSB 
_pdbx_database_status.process_site                    RCSB 
_pdbx_database_status.status_code_mr                  REL 
_pdbx_database_status.SG_entry                        . 
_pdbx_database_status.pdb_format_compatible           Y 
_pdbx_database_status.status_code_sf                  ? 
_pdbx_database_status.status_code_cs                  ? 
_pdbx_database_status.status_code_nmr_data            ? 
_pdbx_database_status.methods_development_category    ? 
# 
loop_
_audit_author.name 
_audit_author.pdbx_ordinal 
'Sadler, P.J.'   1 
'Robinson, N.J.' 2 
# 
_citation.id                        primary 
_citation.title                     
'A metallothionein containing a zinc finger within a four-metal cluster protects a bacterium from zinc toxicity.' 
_citation.journal_abbrev            Proc.Natl.Acad.Sci.USA 
_citation.journal_volume            98 
_citation.page_first                9593 
_citation.page_last                 9598 
_citation.year                      2001 
_citation.journal_id_ASTM           PNASA6 
_citation.country                   US 
_citation.journal_id_ISSN           0027-8424 
_citation.journal_id_CSD            0040 
_citation.book_publisher            ? 
_citation.pdbx_database_id_PubMed   11493688 
_citation.pdbx_database_id_DOI      10.1073/pnas.171120098 
# 
loop_
_citation_author.citation_id 
_citation_author.name 
_citation_author.ordinal 
_citation_author.identifier_ORCID 
primary 'Blindauer, C.A.' 1 ? 
primary 'Harrison, M.D.'  2 ? 
primary 'Parkinson, J.A.' 3 ? 
primary 'Robinson, A.K.'  4 ? 
primary 'Cavet, J.S.'     5 ? 
primary 'Robinson, N.J.'  6 ? 
primary 'Sadler, P.J.'    7 ? 
# 
loop_
_entity.id 
_entity.type 
_entity.src_method 
_entity.pdbx_description 
_entity.formula_weight 
_entity.pdbx_number_of_molecules 
_entity.pdbx_ec 
_entity.pdbx_mutation 
_entity.pdbx_fragment 
_entity.details 
1 polymer     man METALLOTHIONEIN 5617.299 1 ? ? ? ? 
2 non-polymer syn 'ZINC ION'      65.409   4 ? ? ? ? 
# 
_entity_name_com.entity_id   1 
_entity_name_com.name        SmtA 
# 
_entity_poly.entity_id                      1 
_entity_poly.type                           'polypeptide(L)' 
_entity_poly.nstd_linkage                   no 
_entity_poly.nstd_monomer                   no 
_entity_poly.pdbx_seq_one_letter_code       TSTTLVKCACEPCLCNVDPSKAIDRNGLYYCSEACADGHTGGSKGCGHTGCNCHG 
_entity_poly.pdbx_seq_one_letter_code_can   TSTTLVKCACEPCLCNVDPSKAIDRNGLYYCSEACADGHTGGSKGCGHTGCNCHG 
_entity_poly.pdbx_strand_id                 A 
_entity_poly.pdbx_target_identifier         ? 
# 
_pdbx_entity_nonpoly.entity_id   2 
_pdbx_entity_nonpoly.name        'ZINC ION' 
_pdbx_entity_nonpoly.comp_id     ZN 
# 
loop_
_entity_poly_seq.entity_id 
_entity_poly_seq.num 
_entity_poly_seq.mon_id 
_entity_poly_seq.hetero 
1 1  THR n 
1 2  SER n 
1 3  THR n 
1 4  THR n 
1 5  LEU n 
1 6  VAL n 
1 7  LYS n 
1 8  CYS n 
1 9  ALA n 
1 10 CYS n 
1 11 GLU n 
1 12 PRO n 
1 13 CYS n 
1 14 LEU n 
1 15 CYS n 
1 16 ASN n 
1 17 VAL n 
1 18 ASP n 
1 19 PRO n 
1 20 SER n 
1 21 LYS n 
1 22 ALA n 
1 23 ILE n 
1 24 ASP n 
1 25 ARG n 
1 26 ASN n 
1 27 GLY n 
1 28 LEU n 
1 29 TYR n 
1 30 TYR n 
1 31 CYS n 
1 32 SER n 
1 33 GLU n 
1 34 ALA n 
1 35 CYS n 
1 36 ALA n 
1 37 ASP n 
1 38 GLY n 
1 39 HIS n 
1 40 THR n 
1 41 GLY n 
1 42 GLY n 
1 43 SER n 
1 44 LYS n 
1 45 GLY n 
1 46 CYS n 
1 47 GLY n 
1 48 HIS n 
1 49 THR n 
1 50 GLY n 
1 51 CYS n 
1 52 ASN n 
1 53 CYS n 
1 54 HIS n 
1 55 GLY n 
# 
_entity_src_gen.entity_id                          1 
_entity_src_gen.pdbx_src_id                        1 
_entity_src_gen.pdbx_alt_source_flag               sample 
_entity_src_gen.pdbx_seq_type                      ? 
_entity_src_gen.pdbx_beg_seq_num                   ? 
_entity_src_gen.pdbx_end_seq_num                   ? 
_entity_src_gen.gene_src_common_name               ? 
_entity_src_gen.gene_src_genus                     Synechococcus 
_entity_src_gen.pdbx_gene_src_gene                 smtA 
_entity_src_gen.gene_src_species                   'Synechococcus elongatus' 
_entity_src_gen.gene_src_strain                    'PCC 7942' 
_entity_src_gen.gene_src_tissue                    ? 
_entity_src_gen.gene_src_tissue_fraction           ? 
_entity_src_gen.gene_src_details                   ? 
_entity_src_gen.pdbx_gene_src_fragment             ? 
_entity_src_gen.pdbx_gene_src_scientific_name      'Synechococcus elongatus' 
_entity_src_gen.pdbx_gene_src_ncbi_taxonomy_id     1140 
_entity_src_gen.pdbx_gene_src_variant              ? 
_entity_src_gen.pdbx_gene_src_cell_line            ? 
_entity_src_gen.pdbx_gene_src_atcc                 ? 
_entity_src_gen.pdbx_gene_src_organ                ? 
_entity_src_gen.pdbx_gene_src_organelle            ? 
_entity_src_gen.pdbx_gene_src_cell                 ? 
_entity_src_gen.pdbx_gene_src_cellular_location    ? 
_entity_src_gen.host_org_common_name               ? 
_entity_src_gen.pdbx_host_org_scientific_name      'Escherichia coli BL21(DE3)' 
_entity_src_gen.pdbx_host_org_ncbi_taxonomy_id     469008 
_entity_src_gen.host_org_genus                     Escherichia 
_entity_src_gen.pdbx_host_org_gene                 ? 
_entity_src_gen.pdbx_host_org_organ                ? 
_entity_src_gen.host_org_species                   'Escherichia coli' 
_entity_src_gen.pdbx_host_org_tissue               ? 
_entity_src_gen.pdbx_host_org_tissue_fraction      ? 
_entity_src_gen.pdbx_host_org_strain               'BL21(DE3)' 
_entity_src_gen.pdbx_host_org_variant              ? 
_entity_src_gen.pdbx_host_org_cell_line            ? 
_entity_src_gen.pdbx_host_org_atcc                 ? 
_entity_src_gen.pdbx_host_org_culture_collection   ? 
_entity_src_gen.pdbx_host_org_cell                 ? 
_entity_src_gen.pdbx_host_org_organelle            ? 
_entity_src_gen.pdbx_host_org_cellular_location    ? 
_entity_src_gen.pdbx_host_org_vector_type          PLASMID 
_entity_src_gen.pdbx_host_org_vector               ? 
_entity_src_gen.host_org_details                   ? 
_entity_src_gen.expression_system_id               ? 
_entity_src_gen.plasmid_name                       pET29a 
_entity_src_gen.plasmid_details                    ? 
_entity_src_gen.pdbx_description                   ? 
# 
loop_
_chem_comp.id 
_chem_comp.type 
_chem_comp.mon_nstd_flag 
_chem_comp.name 
_chem_comp.pdbx_synonyms 
_chem_comp.formula 
_chem_comp.formula_weight 
ALA 'L-peptide linking' y ALANINE         ? 'C3 H7 N O2'     89.093  
ARG 'L-peptide linking' y ARGININE        ? 'C6 H15 N4 O2 1' 175.209 
ASN 'L-peptide linking' y ASPARAGINE      ? 'C4 H8 N2 O3'    132.118 
ASP 'L-peptide linking' y 'ASPARTIC ACID' ? 'C4 H7 N O4'     133.103 
CYS 'L-peptide linking' y CYSTEINE        ? 'C3 H7 N O2 S'   121.158 
GLU 'L-peptide linking' y 'GLUTAMIC ACID' ? 'C5 H9 N O4'     147.129 
GLY 'peptide linking'   y GLYCINE         ? 'C2 H5 N O2'     75.067  
HIS 'L-peptide linking' y HISTIDINE       ? 'C6 H10 N3 O2 1' 156.162 
ILE 'L-peptide linking' y ISOLEUCINE      ? 'C6 H13 N O2'    131.173 
LEU 'L-peptide linking' y LEUCINE         ? 'C6 H13 N O2'    131.173 
LYS 'L-peptide linking' y LYSINE          ? 'C6 H15 N2 O2 1' 147.195 
PRO 'L-peptide linking' y PROLINE         ? 'C5 H9 N O2'     115.130 
SER 'L-peptide linking' y SERINE          ? 'C3 H7 N O3'     105.093 
THR 'L-peptide linking' y THREONINE       ? 'C4 H9 N O3'     119.119 
TYR 'L-peptide linking' y TYROSINE        ? 'C9 H11 N O3'    181.189 
VAL 'L-peptide linking' y VALINE          ? 'C5 H11 N O2'    117.146 
ZN  non-polymer         . 'ZINC ION'      ? 'Zn 2'           65.409  
# 
loop_
_pdbx_poly_seq_scheme.asym_id 
_pdbx_poly_seq_scheme.entity_id 
_pdbx_poly_seq_scheme.seq_id 
_pdbx_poly_seq_scheme.mon_id 
_pdbx_poly_seq_scheme.ndb_seq_num 
_pdbx_poly_seq_scheme.pdb_seq_num 
_pdbx_poly_seq_scheme.auth_seq_num 
_pdbx_poly_seq_scheme.pdb_mon_id 
_pdbx_poly_seq_scheme.auth_mon_id 
_pdbx_poly_seq_scheme.pdb_strand_id 
_pdbx_poly_seq_scheme.pdb_ins_code 
_pdbx_poly_seq_scheme.hetero 
A 1 1  THR 1  2  ?  ?   ?   A . n 
A 1 2  SER 2  3  ?  ?   ?   A . n 
A 1 3  THR 3  4  ?  ?   ?   A . n 
A 1 4  THR 4  5  5  THR THR A . n 
A 1 5  LEU 5  6  6  LEU LEU A . n 
A 1 6  VAL 6  7  7  VAL VAL A . n 
A 1 7  LYS 7  8  8  LYS LYS A . n 
A 1 8  CYS 8  9  9  CYS CYS A . n 
A 1 9  ALA 9  10 10 ALA ALA A . n 
A 1 10 CYS 10 11 11 CYS CYS A . n 
A 1 11 GLU 11 12 12 GLU GLU A . n 
A 1 12 PRO 12 13 13 PRO PRO A . n 
A 1 13 CYS 13 14 14 CYS CYS A . n 
A 1 14 LEU 14 15 15 LEU LEU A . n 
A 1 15 CYS 15 16 16 CYS CYS A . n 
A 1 16 ASN 16 17 17 ASN ASN A . n 
A 1 17 VAL 17 18 18 VAL VAL A . n 
A 1 18 ASP 18 19 19 ASP ASP A . n 
A 1 19 PRO 19 20 20 PRO PRO A . n 
A 1 20 SER 20 21 21 SER SER A . n 
A 1 21 LYS 21 22 22 LYS LYS A . n 
A 1 22 ALA 22 23 23 ALA ALA A . n 
A 1 23 ILE 23 24 24 ILE ILE A . n 
A 1 24 ASP 24 25 25 ASP ASP A . n 
A 1 25 ARG 25 26 26 ARG ARG A . n 
A 1 26 ASN 26 27 27 ASN ASN A . n 
A 1 27 GLY 27 28 28 GLY GLY A . n 
A 1 28 LEU 28 29 29 LEU LEU A . n 
A 1 29 TYR 29 30 30 TYR TYR A . n 
A 1 30 TYR 30 31 31 TYR TYR A . n 
A 1 31 CYS 31 32 32 CYS CYS A . n 
A 1 32 SER 32 33 33 SER SER A . n 
A 1 33 GLU 33 34 34 GLU GLU A . n 
A 1 34 ALA 34 35 35 ALA ALA A . n 
A 1 35 CYS 35 36 36 CYS CYS A . n 
A 1 36 ALA 36 37 37 ALA ALA A . n 
A 1 37 ASP 37 38 38 ASP ASP A . n 
A 1 38 GLY 38 39 39 GLY GLY A . n 
A 1 39 HIS 39 40 40 HIS HIS A . n 
A 1 40 THR 40 41 41 THR THR A . n 
A 1 41 GLY 41 42 42 GLY GLY A . n 
A 1 42 GLY 42 43 43 GLY GLY A . n 
A 1 43 SER 43 44 44 SER SER A . n 
A 1 44 LYS 44 45 45 LYS LYS A . n 
A 1 45 GLY 45 46 46 GLY GLY A . n 
A 1 46 CYS 46 47 47 CYS CYS A . n 
A 1 47 GLY 47 48 48 GLY GLY A . n 
A 1 48 HIS 48 49 49 HIS HIS A . n 
A 1 49 THR 49 50 50 THR THR A . n 
A 1 50 GLY 50 51 51 GLY GLY A . n 
A 1 51 CYS 51 52 52 CYS CYS A . n 
A 1 52 ASN 52 53 53 ASN ASN A . n 
A 1 53 CYS 53 54 54 CYS CYS A . n 
A 1 54 HIS 54 55 55 HIS HIS A . n 
A 1 55 GLY 55 56 56 GLY GLY A . n 
# 
loop_
_pdbx_nonpoly_scheme.asym_id 
_pdbx_nonpoly_scheme.entity_id 
_pdbx_nonpoly_scheme.mon_id 
_pdbx_nonpoly_scheme.ndb_seq_num 
_pdbx_nonpoly_scheme.pdb_seq_num 
_pdbx_nonpoly_scheme.auth_seq_num 
_pdbx_nonpoly_scheme.pdb_mon_id 
_pdbx_nonpoly_scheme.auth_mon_id 
_pdbx_nonpoly_scheme.pdb_strand_id 
_pdbx_nonpoly_scheme.pdb_ins_code 
B 2 ZN 1 101 101 ZN ZN A . 
C 2 ZN 1 102 102 ZN ZN A . 
D 2 ZN 1 103 103 ZN ZN A . 
E 2 ZN 1 104 104 ZN ZN A . 
# 
_cell.entry_id           1JJD 
_cell.length_a           ? 
_cell.length_b           ? 
_cell.length_c           ? 
_cell.angle_alpha        ? 
_cell.angle_beta         ? 
_cell.angle_gamma        ? 
_cell.Z_PDB              1 
_cell.pdbx_unique_axis   ? 
# 
_exptl.entry_id          1JJD 
_exptl.method            'SOLUTION NMR' 
_exptl.crystals_number   ? 
# 
_exptl_crystal.id                    1 
_exptl_crystal.density_meas          ? 
_exptl_crystal.density_Matthews      ? 
_exptl_crystal.density_percent_sol   ? 
_exptl_crystal.description           ? 
# 
_diffrn.id                     1 
_diffrn.crystal_id             1 
_diffrn.ambient_temp           ? 
_diffrn.ambient_temp_details   ? 
# 
_diffrn_radiation.diffrn_id                        1 
_diffrn_radiation.wavelength_id                    1 
_diffrn_radiation.pdbx_monochromatic_or_laue_m_l   M 
_diffrn_radiation.monochromator                    ? 
_diffrn_radiation.pdbx_diffrn_protocol             'SINGLE WAVELENGTH' 
_diffrn_radiation.pdbx_scattering_type             x-ray 
# 
_diffrn_radiation_wavelength.id           1 
_diffrn_radiation_wavelength.wavelength   . 
_diffrn_radiation_wavelength.wt           1.0 
# 
_struct.entry_id                  1JJD 
_struct.title                     'NMR structure of the Cyanobacterial Metallothionein SmtA' 
_struct.pdbx_model_details        ? 
_struct.pdbx_CASP_flag            ? 
_struct.pdbx_model_type_details   'minimized average' 
# 
_struct_keywords.entry_id        1JJD 
_struct_keywords.pdbx_keywords   'METAL BINDING PROTEIN' 
_struct_keywords.text            'zinc finger, zinc cluster, metallothionein, METAL BINDING PROTEIN' 
# 
loop_
_struct_asym.id 
_struct_asym.pdbx_blank_PDB_chainid_flag 
_struct_asym.pdbx_modified 
_struct_asym.entity_id 
_struct_asym.details 
A N N 1 ? 
B N N 2 ? 
C N N 2 ? 
D N N 2 ? 
E N N 2 ? 
# 
_struct_ref.id                         1 
_struct_ref.db_name                    UNP 
_struct_ref.db_code                    MT_SYNP7 
_struct_ref.entity_id                  1 
_struct_ref.pdbx_seq_one_letter_code   TSTTLVKCACEPCLCNVDPSKAIDRNGLYYCSEACADGHTGGSKGCGHTGCNCHG 
_struct_ref.pdbx_align_begin           1 
_struct_ref.pdbx_db_accession          P30331 
_struct_ref.pdbx_db_isoform            ? 
# 
_struct_ref_seq.align_id                      1 
_struct_ref_seq.ref_id                        1 
_struct_ref_seq.pdbx_PDB_id_code              1JJD 
_struct_ref_seq.pdbx_strand_id                A 
_struct_ref_seq.seq_align_beg                 1 
_struct_ref_seq.pdbx_seq_align_beg_ins_code   ? 
_struct_ref_seq.seq_align_end                 55 
_struct_ref_seq.pdbx_seq_align_end_ins_code   ? 
_struct_ref_seq.pdbx_db_accession             P30331 
_struct_ref_seq.db_align_beg                  1 
_struct_ref_seq.pdbx_db_align_beg_ins_code    ? 
_struct_ref_seq.db_align_end                  55 
_struct_ref_seq.pdbx_db_align_end_ins_code    ? 
_struct_ref_seq.pdbx_auth_seq_align_beg       2 
_struct_ref_seq.pdbx_auth_seq_align_end       56 
# 
_pdbx_struct_assembly.id                   1 
_pdbx_struct_assembly.details              author_defined_assembly 
_pdbx_struct_assembly.method_details       ? 
_pdbx_struct_assembly.oligomeric_details   monomeric 
_pdbx_struct_assembly.oligomeric_count     1 
# 
_pdbx_struct_assembly_gen.assembly_id       1 
_pdbx_struct_assembly_gen.oper_expression   1 
_pdbx_struct_assembly_gen.asym_id_list      A,B,C,D,E 
# 
_pdbx_struct_oper_list.id                   1 
_pdbx_struct_oper_list.type                 'identity operation' 
_pdbx_struct_oper_list.name                 1_555 
_pdbx_struct_oper_list.symmetry_operation   x,y,z 
_pdbx_struct_oper_list.matrix[1][1]         1.0000000000 
_pdbx_struct_oper_list.matrix[1][2]         0.0000000000 
_pdbx_struct_oper_list.matrix[1][3]         0.0000000000 
_pdbx_struct_oper_list.vector[1]            0.0000000000 
_pdbx_struct_oper_list.matrix[2][1]         0.0000000000 
_pdbx_struct_oper_list.matrix[2][2]         1.0000000000 
_pdbx_struct_oper_list.matrix[2][3]         0.0000000000 
_pdbx_struct_oper_list.vector[2]            0.0000000000 
_pdbx_struct_oper_list.matrix[3][1]         0.0000000000 
_pdbx_struct_oper_list.matrix[3][2]         0.0000000000 
_pdbx_struct_oper_list.matrix[3][3]         1.0000000000 
_pdbx_struct_oper_list.vector[3]            0.0000000000 
# 
_struct_biol.id   1 
# 
_struct_conf.conf_type_id            HELX_P 
_struct_conf.id                      HELX_P1 
_struct_conf.pdbx_PDB_helix_id       1 
_struct_conf.beg_label_comp_id       SER 
_struct_conf.beg_label_asym_id       A 
_struct_conf.beg_label_seq_id        32 
_struct_conf.pdbx_beg_PDB_ins_code   ? 
_struct_conf.end_label_comp_id       GLY 
_struct_conf.end_label_asym_id       A 
_struct_conf.end_label_seq_id        38 
_struct_conf.pdbx_end_PDB_ins_code   ? 
_struct_conf.beg_auth_comp_id        SER 
_struct_conf.beg_auth_asym_id        A 
_struct_conf.beg_auth_seq_id         33 
_struct_conf.end_auth_comp_id        GLY 
_struct_conf.end_auth_asym_id        A 
_struct_conf.end_auth_seq_id         39 
_struct_conf.pdbx_PDB_helix_class    1 
_struct_conf.details                 ? 
_struct_conf.pdbx_PDB_helix_length   7 
# 
_struct_conf_type.id          HELX_P 
_struct_conf_type.criteria    ? 
_struct_conf_type.reference   ? 
# 
loop_
_struct_conn.id 
_struct_conn.conn_type_id 
_struct_conn.pdbx_leaving_atom_flag 
_struct_conn.pdbx_PDB_id 
_struct_conn.ptnr1_label_asym_id 
_struct_conn.ptnr1_label_comp_id 
_struct_conn.ptnr1_label_seq_id 
_struct_conn.ptnr1_label_atom_id 
_struct_conn.pdbx_ptnr1_label_alt_id 
_struct_conn.pdbx_ptnr1_PDB_ins_code 
_struct_conn.pdbx_ptnr1_standard_comp_id 
_struct_conn.ptnr1_symmetry 
_struct_conn.ptnr2_label_asym_id 
_struct_conn.ptnr2_label_comp_id 
_struct_conn.ptnr2_label_seq_id 
_struct_conn.ptnr2_label_atom_id 
_struct_conn.pdbx_ptnr2_label_alt_id 
_struct_conn.pdbx_ptnr2_PDB_ins_code 
_struct_conn.ptnr1_auth_asym_id 
_struct_conn.ptnr1_auth_comp_id 
_struct_conn.ptnr1_auth_seq_id 
_struct_conn.ptnr2_auth_asym_id 
_struct_conn.ptnr2_auth_comp_id 
_struct_conn.ptnr2_auth_seq_id 
_struct_conn.ptnr2_symmetry 
_struct_conn.pdbx_ptnr3_label_atom_id 
_struct_conn.pdbx_ptnr3_label_seq_id 
_struct_conn.pdbx_ptnr3_label_comp_id 
_struct_conn.pdbx_ptnr3_label_asym_id 
_struct_conn.pdbx_ptnr3_label_alt_id 
_struct_conn.pdbx_ptnr3_PDB_ins_code 
_struct_conn.details 
_struct_conn.pdbx_dist_value 
_struct_conn.pdbx_value_order 
_struct_conn.pdbx_role 
metalc1  metalc ? ? A CYS 8  SG  ? ? ? 1_555 B ZN . ZN ? ? A CYS 9  A ZN 101 1_555 ? ? ? ? ? ? ? 2.376 ? ? 
metalc2  metalc ? ? A CYS 10 SG  ? ? ? 1_555 C ZN . ZN ? ? A CYS 11 A ZN 102 1_555 ? ? ? ? ? ? ? 2.392 ? ? 
metalc3  metalc ? ? A CYS 13 SG  ? ? ? 1_555 B ZN . ZN ? ? A CYS 14 A ZN 101 1_555 ? ? ? ? ? ? ? 2.382 ? ? 
metalc4  metalc ? ? A CYS 13 SG  ? ? ? 1_555 E ZN . ZN ? ? A CYS 14 A ZN 104 1_555 ? ? ? ? ? ? ? 2.366 ? ? 
metalc5  metalc ? ? A CYS 15 SG  ? ? ? 1_555 D ZN . ZN ? ? A CYS 16 A ZN 103 1_555 ? ? ? ? ? ? ? 2.362 ? ? 
metalc6  metalc ? ? A CYS 31 SG  ? ? ? 1_555 B ZN . ZN ? ? A CYS 32 A ZN 101 1_555 ? ? ? ? ? ? ? 2.372 ? ? 
metalc7  metalc ? ? A CYS 31 SG  ? ? ? 1_555 D ZN . ZN ? ? A CYS 32 A ZN 103 1_555 ? ? ? ? ? ? ? 2.371 ? ? 
metalc8  metalc ? ? A CYS 35 SG  ? ? ? 1_555 B ZN . ZN ? ? A CYS 36 A ZN 101 1_555 ? ? ? ? ? ? ? 2.383 ? ? 
metalc9  metalc ? ? A CYS 35 SG  ? ? ? 1_555 C ZN . ZN ? ? A CYS 36 A ZN 102 1_555 ? ? ? ? ? ? ? 2.358 ? ? 
metalc10 metalc ? ? A HIS 39 NE2 ? ? ? 1_555 C ZN . ZN ? ? A HIS 40 A ZN 102 1_555 ? ? ? ? ? ? ? 1.938 ? ? 
metalc11 metalc ? ? A CYS 46 SG  ? ? ? 1_555 D ZN . ZN ? ? A CYS 47 A ZN 103 1_555 ? ? ? ? ? ? ? 2.345 ? ? 
metalc12 metalc ? ? A CYS 46 SG  ? ? ? 1_555 E ZN . ZN ? ? A CYS 47 A ZN 104 1_555 ? ? ? ? ? ? ? 2.378 ? ? 
metalc13 metalc ? ? A HIS 48 NE2 ? ? ? 1_555 D ZN . ZN ? ? A HIS 49 A ZN 103 1_555 ? ? ? ? ? ? ? 1.907 ? ? 
metalc14 metalc ? ? A CYS 51 SG  ? ? ? 1_555 E ZN . ZN ? ? A CYS 52 A ZN 104 1_555 ? ? ? ? ? ? ? 2.365 ? ? 
metalc15 metalc ? ? A CYS 53 SG  ? ? ? 1_555 C ZN . ZN ? ? A CYS 54 A ZN 102 1_555 ? ? ? ? ? ? ? 2.378 ? ? 
metalc16 metalc ? ? A CYS 53 SG  ? ? ? 1_555 E ZN . ZN ? ? A CYS 54 A ZN 104 1_555 ? ? ? ? ? ? ? 2.380 ? ? 
# 
_struct_conn_type.id          metalc 
_struct_conn_type.criteria    ? 
_struct_conn_type.reference   ? 
# 
loop_
_pdbx_struct_conn_angle.id 
_pdbx_struct_conn_angle.ptnr1_label_atom_id 
_pdbx_struct_conn_angle.ptnr1_label_alt_id 
_pdbx_struct_conn_angle.ptnr1_label_asym_id 
_pdbx_struct_conn_angle.ptnr1_label_comp_id 
_pdbx_struct_conn_angle.ptnr1_label_seq_id 
_pdbx_struct_conn_angle.ptnr1_auth_atom_id 
_pdbx_struct_conn_angle.ptnr1_auth_asym_id 
_pdbx_struct_conn_angle.ptnr1_auth_comp_id 
_pdbx_struct_conn_angle.ptnr1_auth_seq_id 
_pdbx_struct_conn_angle.ptnr1_PDB_ins_code 
_pdbx_struct_conn_angle.ptnr1_symmetry 
_pdbx_struct_conn_angle.ptnr2_label_atom_id 
_pdbx_struct_conn_angle.ptnr2_label_alt_id 
_pdbx_struct_conn_angle.ptnr2_label_asym_id 
_pdbx_struct_conn_angle.ptnr2_label_comp_id 
_pdbx_struct_conn_angle.ptnr2_label_seq_id 
_pdbx_struct_conn_angle.ptnr2_auth_atom_id 
_pdbx_struct_conn_angle.ptnr2_auth_asym_id 
_pdbx_struct_conn_angle.ptnr2_auth_comp_id 
_pdbx_struct_conn_angle.ptnr2_auth_seq_id 
_pdbx_struct_conn_angle.ptnr2_PDB_ins_code 
_pdbx_struct_conn_angle.ptnr2_symmetry 
_pdbx_struct_conn_angle.ptnr3_label_atom_id 
_pdbx_struct_conn_angle.ptnr3_label_alt_id 
_pdbx_struct_conn_angle.ptnr3_label_asym_id 
_pdbx_struct_conn_angle.ptnr3_label_comp_id 
_pdbx_struct_conn_angle.ptnr3_label_seq_id 
_pdbx_struct_conn_angle.ptnr3_auth_atom_id 
_pdbx_struct_conn_angle.ptnr3_auth_asym_id 
_pdbx_struct_conn_angle.ptnr3_auth_comp_id 
_pdbx_struct_conn_angle.ptnr3_auth_seq_id 
_pdbx_struct_conn_angle.ptnr3_PDB_ins_code 
_pdbx_struct_conn_angle.ptnr3_symmetry 
_pdbx_struct_conn_angle.value 
_pdbx_struct_conn_angle.value_esd 
1  SG  ? A CYS 8  ? A CYS 9  ? 1_555 ZN ? B ZN . ? A ZN 101 ? 1_555 SG  ? A CYS 13 ? A CYS 14 ? 1_555 111.5 ? 
2  SG  ? A CYS 8  ? A CYS 9  ? 1_555 ZN ? B ZN . ? A ZN 101 ? 1_555 SG  ? A CYS 31 ? A CYS 32 ? 1_555 115.3 ? 
3  SG  ? A CYS 13 ? A CYS 14 ? 1_555 ZN ? B ZN . ? A ZN 101 ? 1_555 SG  ? A CYS 31 ? A CYS 32 ? 1_555 105.4 ? 
4  SG  ? A CYS 8  ? A CYS 9  ? 1_555 ZN ? B ZN . ? A ZN 101 ? 1_555 SG  ? A CYS 35 ? A CYS 36 ? 1_555 111.9 ? 
5  SG  ? A CYS 13 ? A CYS 14 ? 1_555 ZN ? B ZN . ? A ZN 101 ? 1_555 SG  ? A CYS 35 ? A CYS 36 ? 1_555 119.6 ? 
6  SG  ? A CYS 31 ? A CYS 32 ? 1_555 ZN ? B ZN . ? A ZN 101 ? 1_555 SG  ? A CYS 35 ? A CYS 36 ? 1_555 91.6  ? 
7  SG  ? A CYS 10 ? A CYS 11 ? 1_555 ZN ? C ZN . ? A ZN 102 ? 1_555 SG  ? A CYS 35 ? A CYS 36 ? 1_555 114.1 ? 
8  SG  ? A CYS 10 ? A CYS 11 ? 1_555 ZN ? C ZN . ? A ZN 102 ? 1_555 NE2 ? A HIS 39 ? A HIS 40 ? 1_555 109.0 ? 
9  SG  ? A CYS 35 ? A CYS 36 ? 1_555 ZN ? C ZN . ? A ZN 102 ? 1_555 NE2 ? A HIS 39 ? A HIS 40 ? 1_555 109.5 ? 
10 SG  ? A CYS 10 ? A CYS 11 ? 1_555 ZN ? C ZN . ? A ZN 102 ? 1_555 SG  ? A CYS 53 ? A CYS 54 ? 1_555 123.2 ? 
11 SG  ? A CYS 35 ? A CYS 36 ? 1_555 ZN ? C ZN . ? A ZN 102 ? 1_555 SG  ? A CYS 53 ? A CYS 54 ? 1_555 105.6 ? 
12 NE2 ? A HIS 39 ? A HIS 40 ? 1_555 ZN ? C ZN . ? A ZN 102 ? 1_555 SG  ? A CYS 53 ? A CYS 54 ? 1_555 93.1  ? 
13 SG  ? A CYS 13 ? A CYS 14 ? 1_555 ZN ? E ZN . ? A ZN 104 ? 1_555 SG  ? A CYS 46 ? A CYS 47 ? 1_555 109.5 ? 
14 SG  ? A CYS 13 ? A CYS 14 ? 1_555 ZN ? E ZN . ? A ZN 104 ? 1_555 SG  ? A CYS 51 ? A CYS 52 ? 1_555 105.3 ? 
15 SG  ? A CYS 46 ? A CYS 47 ? 1_555 ZN ? E ZN . ? A ZN 104 ? 1_555 SG  ? A CYS 51 ? A CYS 52 ? 1_555 105.6 ? 
16 SG  ? A CYS 13 ? A CYS 14 ? 1_555 ZN ? E ZN . ? A ZN 104 ? 1_555 SG  ? A CYS 53 ? A CYS 54 ? 1_555 116.3 ? 
17 SG  ? A CYS 46 ? A CYS 47 ? 1_555 ZN ? E ZN . ? A ZN 104 ? 1_555 SG  ? A CYS 53 ? A CYS 54 ? 1_555 115.6 ? 
18 SG  ? A CYS 51 ? A CYS 52 ? 1_555 ZN ? E ZN . ? A ZN 104 ? 1_555 SG  ? A CYS 53 ? A CYS 54 ? 1_555 103.2 ? 
19 SG  ? A CYS 15 ? A CYS 16 ? 1_555 ZN ? D ZN . ? A ZN 103 ? 1_555 SG  ? A CYS 31 ? A CYS 32 ? 1_555 126.0 ? 
20 SG  ? A CYS 15 ? A CYS 16 ? 1_555 ZN ? D ZN . ? A ZN 103 ? 1_555 SG  ? A CYS 46 ? A CYS 47 ? 1_555 102.2 ? 
21 SG  ? A CYS 31 ? A CYS 32 ? 1_555 ZN ? D ZN . ? A ZN 103 ? 1_555 SG  ? A CYS 46 ? A CYS 47 ? 1_555 103.9 ? 
22 SG  ? A CYS 15 ? A CYS 16 ? 1_555 ZN ? D ZN . ? A ZN 103 ? 1_555 NE2 ? A HIS 48 ? A HIS 49 ? 1_555 108.8 ? 
23 SG  ? A CYS 31 ? A CYS 32 ? 1_555 ZN ? D ZN . ? A ZN 103 ? 1_555 NE2 ? A HIS 48 ? A HIS 49 ? 1_555 114.1 ? 
24 SG  ? A CYS 46 ? A CYS 47 ? 1_555 ZN ? D ZN . ? A ZN 103 ? 1_555 NE2 ? A HIS 48 ? A HIS 49 ? 1_555 96.3  ? 
# 
_struct_sheet.id               A 
_struct_sheet.type             ? 
_struct_sheet.number_strands   2 
_struct_sheet.details          ? 
# 
_struct_sheet_order.sheet_id     A 
_struct_sheet_order.range_id_1   1 
_struct_sheet_order.range_id_2   2 
_struct_sheet_order.offset       ? 
_struct_sheet_order.sense        anti-parallel 
# 
loop_
_struct_sheet_range.sheet_id 
_struct_sheet_range.id 
_struct_sheet_range.beg_label_comp_id 
_struct_sheet_range.beg_label_asym_id 
_struct_sheet_range.beg_label_seq_id 
_struct_sheet_range.pdbx_beg_PDB_ins_code 
_struct_sheet_range.end_label_comp_id 
_struct_sheet_range.end_label_asym_id 
_struct_sheet_range.end_label_seq_id 
_struct_sheet_range.pdbx_end_PDB_ins_code 
_struct_sheet_range.beg_auth_comp_id 
_struct_sheet_range.beg_auth_asym_id 
_struct_sheet_range.beg_auth_seq_id 
_struct_sheet_range.end_auth_comp_id 
_struct_sheet_range.end_auth_asym_id 
_struct_sheet_range.end_auth_seq_id 
A 1 ILE A 23 ? ASP A 24 ? ILE A 24 ASP A 25 
A 2 TYR A 29 ? TYR A 30 ? TYR A 30 TYR A 31 
# 
_pdbx_struct_sheet_hbond.sheet_id                A 
_pdbx_struct_sheet_hbond.range_id_1              1 
_pdbx_struct_sheet_hbond.range_id_2              2 
_pdbx_struct_sheet_hbond.range_1_label_atom_id   N 
_pdbx_struct_sheet_hbond.range_1_label_comp_id   ILE 
_pdbx_struct_sheet_hbond.range_1_label_asym_id   A 
_pdbx_struct_sheet_hbond.range_1_label_seq_id    23 
_pdbx_struct_sheet_hbond.range_1_PDB_ins_code    ? 
_pdbx_struct_sheet_hbond.range_1_auth_atom_id    N 
_pdbx_struct_sheet_hbond.range_1_auth_comp_id    ILE 
_pdbx_struct_sheet_hbond.range_1_auth_asym_id    A 
_pdbx_struct_sheet_hbond.range_1_auth_seq_id     24 
_pdbx_struct_sheet_hbond.range_2_label_atom_id   O 
_pdbx_struct_sheet_hbond.range_2_label_comp_id   TYR 
_pdbx_struct_sheet_hbond.range_2_label_asym_id   A 
_pdbx_struct_sheet_hbond.range_2_label_seq_id    30 
_pdbx_struct_sheet_hbond.range_2_PDB_ins_code    ? 
_pdbx_struct_sheet_hbond.range_2_auth_atom_id    O 
_pdbx_struct_sheet_hbond.range_2_auth_comp_id    TYR 
_pdbx_struct_sheet_hbond.range_2_auth_asym_id    A 
_pdbx_struct_sheet_hbond.range_2_auth_seq_id     31 
# 
loop_
_struct_site.id 
_struct_site.pdbx_evidence_code 
_struct_site.pdbx_auth_asym_id 
_struct_site.pdbx_auth_comp_id 
_struct_site.pdbx_auth_seq_id 
_struct_site.pdbx_auth_ins_code 
_struct_site.pdbx_num_residues 
_struct_site.details 
AC1 Software A ZN 101 ? 6 'BINDING SITE FOR RESIDUE ZN A 101' 
AC2 Software A ZN 102 ? 4 'BINDING SITE FOR RESIDUE ZN A 102' 
AC3 Software A ZN 103 ? 7 'BINDING SITE FOR RESIDUE ZN A 103' 
AC4 Software A ZN 104 ? 6 'BINDING SITE FOR RESIDUE ZN A 104' 
# 
loop_
_struct_site_gen.id 
_struct_site_gen.site_id 
_struct_site_gen.pdbx_num_res 
_struct_site_gen.label_comp_id 
_struct_site_gen.label_asym_id 
_struct_site_gen.label_seq_id 
_struct_site_gen.pdbx_auth_ins_code 
_struct_site_gen.auth_comp_id 
_struct_site_gen.auth_asym_id 
_struct_site_gen.auth_seq_id 
_struct_site_gen.label_atom_id 
_struct_site_gen.label_alt_id 
_struct_site_gen.symmetry 
_struct_site_gen.details 
1  AC1 6 CYS A 8  ? CYS A 9   . ? 1_555 ? 
2  AC1 6 CYS A 13 ? CYS A 14  . ? 1_555 ? 
3  AC1 6 CYS A 31 ? CYS A 32  . ? 1_555 ? 
4  AC1 6 CYS A 35 ? CYS A 36  . ? 1_555 ? 
5  AC1 6 ZN  D .  ? ZN  A 103 . ? 1_555 ? 
6  AC1 6 ZN  E .  ? ZN  A 104 . ? 1_555 ? 
7  AC2 4 CYS A 10 ? CYS A 11  . ? 1_555 ? 
8  AC2 4 CYS A 35 ? CYS A 36  . ? 1_555 ? 
9  AC2 4 HIS A 39 ? HIS A 40  . ? 1_555 ? 
10 AC2 4 CYS A 53 ? CYS A 54  . ? 1_555 ? 
11 AC3 7 CYS A 13 ? CYS A 14  . ? 1_555 ? 
12 AC3 7 CYS A 15 ? CYS A 16  . ? 1_555 ? 
13 AC3 7 CYS A 31 ? CYS A 32  . ? 1_555 ? 
14 AC3 7 CYS A 46 ? CYS A 47  . ? 1_555 ? 
15 AC3 7 HIS A 48 ? HIS A 49  . ? 1_555 ? 
16 AC3 7 ZN  B .  ? ZN  A 101 . ? 1_555 ? 
17 AC3 7 ZN  E .  ? ZN  A 104 . ? 1_555 ? 
18 AC4 6 CYS A 13 ? CYS A 14  . ? 1_555 ? 
19 AC4 6 CYS A 46 ? CYS A 47  . ? 1_555 ? 
20 AC4 6 CYS A 51 ? CYS A 52  . ? 1_555 ? 
21 AC4 6 CYS A 53 ? CYS A 54  . ? 1_555 ? 
22 AC4 6 ZN  B .  ? ZN  A 101 . ? 1_555 ? 
23 AC4 6 ZN  D .  ? ZN  A 103 . ? 1_555 ? 
# 
loop_
_pdbx_validate_rmsd_bond.id 
_pdbx_validate_rmsd_bond.PDB_model_num 
_pdbx_validate_rmsd_bond.auth_atom_id_1 
_pdbx_validate_rmsd_bond.auth_asym_id_1 
_pdbx_validate_rmsd_bond.auth_comp_id_1 
_pdbx_validate_rmsd_bond.auth_seq_id_1 
_pdbx_validate_rmsd_bond.PDB_ins_code_1 
_pdbx_validate_rmsd_bond.label_alt_id_1 
_pdbx_validate_rmsd_bond.auth_atom_id_2 
_pdbx_validate_rmsd_bond.auth_asym_id_2 
_pdbx_validate_rmsd_bond.auth_comp_id_2 
_pdbx_validate_rmsd_bond.auth_seq_id_2 
_pdbx_validate_rmsd_bond.PDB_ins_code_2 
_pdbx_validate_rmsd_bond.label_alt_id_2 
_pdbx_validate_rmsd_bond.bond_value 
_pdbx_validate_rmsd_bond.bond_target_value 
_pdbx_validate_rmsd_bond.bond_deviation 
_pdbx_validate_rmsd_bond.bond_standard_deviation 
_pdbx_validate_rmsd_bond.linker_flag 
1 1 CE1 A HIS 40 ? ? NE2 A HIS 40 ? ? 1.250 1.317 -0.067 0.011 N 
2 1 CE1 A HIS 49 ? ? NE2 A HIS 49 ? ? 1.250 1.317 -0.067 0.011 N 
# 
loop_
_pdbx_validate_rmsd_angle.id 
_pdbx_validate_rmsd_angle.PDB_model_num 
_pdbx_validate_rmsd_angle.auth_atom_id_1 
_pdbx_validate_rmsd_angle.auth_asym_id_1 
_pdbx_validate_rmsd_angle.auth_comp_id_1 
_pdbx_validate_rmsd_angle.auth_seq_id_1 
_pdbx_validate_rmsd_angle.PDB_ins_code_1 
_pdbx_validate_rmsd_angle.label_alt_id_1 
_pdbx_validate_rmsd_angle.auth_atom_id_2 
_pdbx_validate_rmsd_angle.auth_asym_id_2 
_pdbx_validate_rmsd_angle.auth_comp_id_2 
_pdbx_validate_rmsd_angle.auth_seq_id_2 
_pdbx_validate_rmsd_angle.PDB_ins_code_2 
_pdbx_validate_rmsd_angle.label_alt_id_2 
_pdbx_validate_rmsd_angle.auth_atom_id_3 
_pdbx_validate_rmsd_angle.auth_asym_id_3 
_pdbx_validate_rmsd_angle.auth_comp_id_3 
_pdbx_validate_rmsd_angle.auth_seq_id_3 
_pdbx_validate_rmsd_angle.PDB_ins_code_3 
_pdbx_validate_rmsd_angle.label_alt_id_3 
_pdbx_validate_rmsd_angle.angle_value 
_pdbx_validate_rmsd_angle.angle_target_value 
_pdbx_validate_rmsd_angle.angle_deviation 
_pdbx_validate_rmsd_angle.angle_standard_deviation 
_pdbx_validate_rmsd_angle.linker_flag 
1 1 NE A ARG 26 ? ? CZ A ARG 26 ? ? NH1 A ARG 26 ? ? 123.45 120.30 3.15 0.50 N 
2 1 CB A CYS 47 ? ? CA A CYS 47 ? ? C   A CYS 47 ? ? 118.90 111.50 7.40 1.20 N 
# 
loop_
_pdbx_validate_torsion.id 
_pdbx_validate_torsion.PDB_model_num 
_pdbx_validate_torsion.auth_comp_id 
_pdbx_validate_torsion.auth_asym_id 
_pdbx_validate_torsion.auth_seq_id 
_pdbx_validate_torsion.PDB_ins_code 
_pdbx_validate_torsion.label_alt_id 
_pdbx_validate_torsion.phi 
_pdbx_validate_torsion.psi 
1 1 ASN A 27 ? ? -146.75 59.09  
2 1 CYS A 32 ? ? -61.35  -70.44 
3 1 SER A 44 ? ? -75.73  -87.03 
4 1 ASN A 53 ? ? -91.10  48.24  
# 
_pdbx_validate_peptide_omega.id               1 
_pdbx_validate_peptide_omega.PDB_model_num    1 
_pdbx_validate_peptide_omega.auth_comp_id_1   LYS 
_pdbx_validate_peptide_omega.auth_asym_id_1   A 
_pdbx_validate_peptide_omega.auth_seq_id_1    45 
_pdbx_validate_peptide_omega.PDB_ins_code_1   ? 
_pdbx_validate_peptide_omega.label_alt_id_1   ? 
_pdbx_validate_peptide_omega.auth_comp_id_2   GLY 
_pdbx_validate_peptide_omega.auth_asym_id_2   A 
_pdbx_validate_peptide_omega.auth_seq_id_2    46 
_pdbx_validate_peptide_omega.PDB_ins_code_2   ? 
_pdbx_validate_peptide_omega.label_alt_id_2   ? 
_pdbx_validate_peptide_omega.omega            124.67 
# 
loop_
_pdbx_validate_planes.id 
_pdbx_validate_planes.PDB_model_num 
_pdbx_validate_planes.auth_comp_id 
_pdbx_validate_planes.auth_asym_id 
_pdbx_validate_planes.auth_seq_id 
_pdbx_validate_planes.PDB_ins_code 
_pdbx_validate_planes.label_alt_id 
_pdbx_validate_planes.rmsd 
_pdbx_validate_planes.type 
1 1 TYR A 30 ? ? 0.067 'SIDE CHAIN' 
2 1 TYR A 31 ? ? 0.098 'SIDE CHAIN' 
# 
_pdbx_nmr_ensemble.entry_id                                      1JJD 
_pdbx_nmr_ensemble.conformers_calculated_total_number            500 
_pdbx_nmr_ensemble.conformers_submitted_total_number             1 
_pdbx_nmr_ensemble.conformer_selection_criteria                  'DIANA target function' 
_pdbx_nmr_ensemble.average_constraints_per_residue               ? 
_pdbx_nmr_ensemble.average_constraint_violations_per_residue     ? 
_pdbx_nmr_ensemble.maximum_distance_constraint_violation         ? 
_pdbx_nmr_ensemble.average_distance_constraint_violation         ? 
_pdbx_nmr_ensemble.maximum_upper_distance_constraint_violation   ? 
_pdbx_nmr_ensemble.maximum_lower_distance_constraint_violation   ? 
_pdbx_nmr_ensemble.distance_constraint_violation_method          ? 
_pdbx_nmr_ensemble.maximum_torsion_angle_constraint_violation    ? 
_pdbx_nmr_ensemble.average_torsion_angle_constraint_violation    ? 
_pdbx_nmr_ensemble.torsion_angle_constraint_violation_method     ? 
# 
_pdbx_nmr_representative.entry_id             1JJD 
_pdbx_nmr_representative.conformer_id         1 
_pdbx_nmr_representative.selection_criteria   'minimized average structure' 
# 
loop_
_pdbx_nmr_sample_details.solution_id 
_pdbx_nmr_sample_details.contents 
_pdbx_nmr_sample_details.solvent_system 
1 '3mM Zn4SmtA; 50 mM [D-11]TRIS/HCl buffer; 50mM NaCl;'                '90% H2O/10% D2O' 
2 '0.4mM 15N labelled Zn-SmtA; 50 mM [D-11]TRIS/HCl buffer; 50mM NaCl;' '90% H2O/10% D2O' 
3 '3mM Cd4SmtA; 50 mM [D-11]TRIS/HCl buffer; 50mM NaCl;'                '90% H2O/10% D2O' 
# 
loop_
_pdbx_nmr_exptl_sample_conditions.conditions_id 
_pdbx_nmr_exptl_sample_conditions.temperature 
_pdbx_nmr_exptl_sample_conditions.pressure 
_pdbx_nmr_exptl_sample_conditions.pH 
_pdbx_nmr_exptl_sample_conditions.ionic_strength 
_pdbx_nmr_exptl_sample_conditions.pressure_units 
_pdbx_nmr_exptl_sample_conditions.temperature_units 
1 308 ambient 7.0 '50mM NaCl' ? K 
2 308 ambient 7.0 '50mM NaCl' ? K 
3 308 ambient 7.0 '50mM NaCl' ? K 
# 
loop_
_pdbx_nmr_exptl.experiment_id 
_pdbx_nmr_exptl.solution_id 
_pdbx_nmr_exptl.conditions_id 
_pdbx_nmr_exptl.type 
1 1 1 '2D NOESY'           
2 2 2 HNHA                 
3 3 3 '2D [1H,111Cd] HSQC' 
# 
_pdbx_nmr_details.entry_id   1JJD 
_pdbx_nmr_details.text       'the average structure was calculated from the best 20 conformers.' 
# 
_pdbx_nmr_refine.entry_id           1JJD 
_pdbx_nmr_refine.method             
;distance geometry, 
torsion angle dynamics
;
_pdbx_nmr_refine.details            
;the structure is based on a total of 380 restraints, 
291 are NOE-derived distance restraints, 37 are dihedral angle restraints, 
and 52 are zinc-ligand distance restraints.
;
_pdbx_nmr_refine.software_ordinal   1 
# 
loop_
_pdbx_nmr_software.name 
_pdbx_nmr_software.version 
_pdbx_nmr_software.classification 
_pdbx_nmr_software.authors 
_pdbx_nmr_software.ordinal 
VNMR    6.1c  collection           Varian            1 
XwinNMR 2.1   processing           Bruker            2 
SYBYL   6.3   'data analysis'      'Tripos inc.'     3 
DIANA   2.2.1 'structure solution' 'Wuethrich et al' 4 
SYBYL   6.3   refinement           'Tripos, Inc.'    5 
# 
loop_
_pdbx_unobs_or_zero_occ_residues.id 
_pdbx_unobs_or_zero_occ_residues.PDB_model_num 
_pdbx_unobs_or_zero_occ_residues.polymer_flag 
_pdbx_unobs_or_zero_occ_residues.occupancy_flag 
_pdbx_unobs_or_zero_occ_residues.auth_asym_id 
_pdbx_unobs_or_zero_occ_residues.auth_comp_id 
_pdbx_unobs_or_zero_occ_residues.auth_seq_id 
_pdbx_unobs_or_zero_occ_residues.PDB_ins_code 
_pdbx_unobs_or_zero_occ_residues.label_asym_id 
_pdbx_unobs_or_zero_occ_residues.label_comp_id 
_pdbx_unobs_or_zero_occ_residues.label_seq_id 
1 1 Y 1 A THR 2 ? A THR 1 
2 1 Y 1 A SER 3 ? A SER 2 
3 1 Y 1 A THR 4 ? A THR 3 
# 
loop_
_chem_comp_atom.comp_id 
_chem_comp_atom.atom_id 
_chem_comp_atom.type_symbol 
_chem_comp_atom.pdbx_aromatic_flag 
_chem_comp_atom.pdbx_stereo_config 
_chem_comp_atom.pdbx_ordinal 
ALA N    N  N N 1   
ALA CA   C  N S 2   
ALA C    C  N N 3   
ALA O    O  N N 4   
ALA CB   C  N N 5   
ALA OXT  O  N N 6   
ALA H    H  N N 7   
ALA H2   H  N N 8   
ALA HA   H  N N 9   
ALA HB1  H  N N 10  
ALA HB2  H  N N 11  
ALA HB3  H  N N 12  
ALA HXT  H  N N 13  
ARG N    N  N N 14  
ARG CA   C  N S 15  
ARG C    C  N N 16  
ARG O    O  N N 17  
ARG CB   C  N N 18  
ARG CG   C  N N 19  
ARG CD   C  N N 20  
ARG NE   N  N N 21  
ARG CZ   C  N N 22  
ARG NH1  N  N N 23  
ARG NH2  N  N N 24  
ARG OXT  O  N N 25  
ARG H    H  N N 26  
ARG H2   H  N N 27  
ARG HA   H  N N 28  
ARG HB2  H  N N 29  
ARG HB3  H  N N 30  
ARG HG2  H  N N 31  
ARG HG3  H  N N 32  
ARG HD2  H  N N 33  
ARG HD3  H  N N 34  
ARG HE   H  N N 35  
ARG HH11 H  N N 36  
ARG HH12 H  N N 37  
ARG HH21 H  N N 38  
ARG HH22 H  N N 39  
ARG HXT  H  N N 40  
ASN N    N  N N 41  
ASN CA   C  N S 42  
ASN C    C  N N 43  
ASN O    O  N N 44  
ASN CB   C  N N 45  
ASN CG   C  N N 46  
ASN OD1  O  N N 47  
ASN ND2  N  N N 48  
ASN OXT  O  N N 49  
ASN H    H  N N 50  
ASN H2   H  N N 51  
ASN HA   H  N N 52  
ASN HB2  H  N N 53  
ASN HB3  H  N N 54  
ASN HD21 H  N N 55  
ASN HD22 H  N N 56  
ASN HXT  H  N N 57  
ASP N    N  N N 58  
ASP CA   C  N S 59  
ASP C    C  N N 60  
ASP O    O  N N 61  
ASP CB   C  N N 62  
ASP CG   C  N N 63  
ASP OD1  O  N N 64  
ASP OD2  O  N N 65  
ASP OXT  O  N N 66  
ASP H    H  N N 67  
ASP H2   H  N N 68  
ASP HA   H  N N 69  
ASP HB2  H  N N 70  
ASP HB3  H  N N 71  
ASP HD2  H  N N 72  
ASP HXT  H  N N 73  
CYS N    N  N N 74  
CYS CA   C  N R 75  
CYS C    C  N N 76  
CYS O    O  N N 77  
CYS CB   C  N N 78  
CYS SG   S  N N 79  
CYS OXT  O  N N 80  
CYS H    H  N N 81  
CYS H2   H  N N 82  
CYS HA   H  N N 83  
CYS HB2  H  N N 84  
CYS HB3  H  N N 85  
CYS HG   H  N N 86  
CYS HXT  H  N N 87  
GLU N    N  N N 88  
GLU CA   C  N S 89  
GLU C    C  N N 90  
GLU O    O  N N 91  
GLU CB   C  N N 92  
GLU CG   C  N N 93  
GLU CD   C  N N 94  
GLU OE1  O  N N 95  
GLU OE2  O  N N 96  
GLU OXT  O  N N 97  
GLU H    H  N N 98  
GLU H2   H  N N 99  
GLU HA   H  N N 100 
GLU HB2  H  N N 101 
GLU HB3  H  N N 102 
GLU HG2  H  N N 103 
GLU HG3  H  N N 104 
GLU HE2  H  N N 105 
GLU HXT  H  N N 106 
GLY N    N  N N 107 
GLY CA   C  N N 108 
GLY C    C  N N 109 
GLY O    O  N N 110 
GLY OXT  O  N N 111 
GLY H    H  N N 112 
GLY H2   H  N N 113 
GLY HA2  H  N N 114 
GLY HA3  H  N N 115 
GLY HXT  H  N N 116 
HIS N    N  N N 117 
HIS CA   C  N S 118 
HIS C    C  N N 119 
HIS O    O  N N 120 
HIS CB   C  N N 121 
HIS CG   C  Y N 122 
HIS ND1  N  Y N 123 
HIS CD2  C  Y N 124 
HIS CE1  C  Y N 125 
HIS NE2  N  Y N 126 
HIS OXT  O  N N 127 
HIS H    H  N N 128 
HIS H2   H  N N 129 
HIS HA   H  N N 130 
HIS HB2  H  N N 131 
HIS HB3  H  N N 132 
HIS HD1  H  N N 133 
HIS HD2  H  N N 134 
HIS HE1  H  N N 135 
HIS HE2  H  N N 136 
HIS HXT  H  N N 137 
ILE N    N  N N 138 
ILE CA   C  N S 139 
ILE C    C  N N 140 
ILE O    O  N N 141 
ILE CB   C  N S 142 
ILE CG1  C  N N 143 
ILE CG2  C  N N 144 
ILE CD1  C  N N 145 
ILE OXT  O  N N 146 
ILE H    H  N N 147 
ILE H2   H  N N 148 
ILE HA   H  N N 149 
ILE HB   H  N N 150 
ILE HG12 H  N N 151 
ILE HG13 H  N N 152 
ILE HG21 H  N N 153 
ILE HG22 H  N N 154 
ILE HG23 H  N N 155 
ILE HD11 H  N N 156 
ILE HD12 H  N N 157 
ILE HD13 H  N N 158 
ILE HXT  H  N N 159 
LEU N    N  N N 160 
LEU CA   C  N S 161 
LEU C    C  N N 162 
LEU O    O  N N 163 
LEU CB   C  N N 164 
LEU CG   C  N N 165 
LEU CD1  C  N N 166 
LEU CD2  C  N N 167 
LEU OXT  O  N N 168 
LEU H    H  N N 169 
LEU H2   H  N N 170 
LEU HA   H  N N 171 
LEU HB2  H  N N 172 
LEU HB3  H  N N 173 
LEU HG   H  N N 174 
LEU HD11 H  N N 175 
LEU HD12 H  N N 176 
LEU HD13 H  N N 177 
LEU HD21 H  N N 178 
LEU HD22 H  N N 179 
LEU HD23 H  N N 180 
LEU HXT  H  N N 181 
LYS N    N  N N 182 
LYS CA   C  N S 183 
LYS C    C  N N 184 
LYS O    O  N N 185 
LYS CB   C  N N 186 
LYS CG   C  N N 187 
LYS CD   C  N N 188 
LYS CE   C  N N 189 
LYS NZ   N  N N 190 
LYS OXT  O  N N 191 
LYS H    H  N N 192 
LYS H2   H  N N 193 
LYS HA   H  N N 194 
LYS HB2  H  N N 195 
LYS HB3  H  N N 196 
LYS HG2  H  N N 197 
LYS HG3  H  N N 198 
LYS HD2  H  N N 199 
LYS HD3  H  N N 200 
LYS HE2  H  N N 201 
LYS HE3  H  N N 202 
LYS HZ1  H  N N 203 
LYS HZ2  H  N N 204 
LYS HZ3  H  N N 205 
LYS HXT  H  N N 206 
PRO N    N  N N 207 
PRO CA   C  N S 208 
PRO C    C  N N 209 
PRO O    O  N N 210 
PRO CB   C  N N 211 
PRO CG   C  N N 212 
PRO CD   C  N N 213 
PRO OXT  O  N N 214 
PRO H    H  N N 215 
PRO HA   H  N N 216 
PRO HB2  H  N N 217 
PRO HB3  H  N N 218 
PRO HG2  H  N N 219 
PRO HG3  H  N N 220 
PRO HD2  H  N N 221 
PRO HD3  H  N N 222 
PRO HXT  H  N N 223 
SER N    N  N N 224 
SER CA   C  N S 225 
SER C    C  N N 226 
SER O    O  N N 227 
SER CB   C  N N 228 
SER OG   O  N N 229 
SER OXT  O  N N 230 
SER H    H  N N 231 
SER H2   H  N N 232 
SER HA   H  N N 233 
SER HB2  H  N N 234 
SER HB3  H  N N 235 
SER HG   H  N N 236 
SER HXT  H  N N 237 
THR N    N  N N 238 
THR CA   C  N S 239 
THR C    C  N N 240 
THR O    O  N N 241 
THR CB   C  N R 242 
THR OG1  O  N N 243 
THR CG2  C  N N 244 
THR OXT  O  N N 245 
THR H    H  N N 246 
THR H2   H  N N 247 
THR HA   H  N N 248 
THR HB   H  N N 249 
THR HG1  H  N N 250 
THR HG21 H  N N 251 
THR HG22 H  N N 252 
THR HG23 H  N N 253 
THR HXT  H  N N 254 
TYR N    N  N N 255 
TYR CA   C  N S 256 
TYR C    C  N N 257 
TYR O    O  N N 258 
TYR CB   C  N N 259 
TYR CG   C  Y N 260 
TYR CD1  C  Y N 261 
TYR CD2  C  Y N 262 
TYR CE1  C  Y N 263 
TYR CE2  C  Y N 264 
TYR CZ   C  Y N 265 
TYR OH   O  N N 266 
TYR OXT  O  N N 267 
TYR H    H  N N 268 
TYR H2   H  N N 269 
TYR HA   H  N N 270 
TYR HB2  H  N N 271 
TYR HB3  H  N N 272 
TYR HD1  H  N N 273 
TYR HD2  H  N N 274 
TYR HE1  H  N N 275 
TYR HE2  H  N N 276 
TYR HH   H  N N 277 
TYR HXT  H  N N 278 
VAL N    N  N N 279 
VAL CA   C  N S 280 
VAL C    C  N N 281 
VAL O    O  N N 282 
VAL CB   C  N N 283 
VAL CG1  C  N N 284 
VAL CG2  C  N N 285 
VAL OXT  O  N N 286 
VAL H    H  N N 287 
VAL H2   H  N N 288 
VAL HA   H  N N 289 
VAL HB   H  N N 290 
VAL HG11 H  N N 291 
VAL HG12 H  N N 292 
VAL HG13 H  N N 293 
VAL HG21 H  N N 294 
VAL HG22 H  N N 295 
VAL HG23 H  N N 296 
VAL HXT  H  N N 297 
ZN  ZN   ZN N N 298 
# 
loop_
_chem_comp_bond.comp_id 
_chem_comp_bond.atom_id_1 
_chem_comp_bond.atom_id_2 
_chem_comp_bond.value_order 
_chem_comp_bond.pdbx_aromatic_flag 
_chem_comp_bond.pdbx_stereo_config 
_chem_comp_bond.pdbx_ordinal 
ALA N   CA   sing N N 1   
ALA N   H    sing N N 2   
ALA N   H2   sing N N 3   
ALA CA  C    sing N N 4   
ALA CA  CB   sing N N 5   
ALA CA  HA   sing N N 6   
ALA C   O    doub N N 7   
ALA C   OXT  sing N N 8   
ALA CB  HB1  sing N N 9   
ALA CB  HB2  sing N N 10  
ALA CB  HB3  sing N N 11  
ALA OXT HXT  sing N N 12  
ARG N   CA   sing N N 13  
ARG N   H    sing N N 14  
ARG N   H2   sing N N 15  
ARG CA  C    sing N N 16  
ARG CA  CB   sing N N 17  
ARG CA  HA   sing N N 18  
ARG C   O    doub N N 19  
ARG C   OXT  sing N N 20  
ARG CB  CG   sing N N 21  
ARG CB  HB2  sing N N 22  
ARG CB  HB3  sing N N 23  
ARG CG  CD   sing N N 24  
ARG CG  HG2  sing N N 25  
ARG CG  HG3  sing N N 26  
ARG CD  NE   sing N N 27  
ARG CD  HD2  sing N N 28  
ARG CD  HD3  sing N N 29  
ARG NE  CZ   sing N N 30  
ARG NE  HE   sing N N 31  
ARG CZ  NH1  sing N N 32  
ARG CZ  NH2  doub N N 33  
ARG NH1 HH11 sing N N 34  
ARG NH1 HH12 sing N N 35  
ARG NH2 HH21 sing N N 36  
ARG NH2 HH22 sing N N 37  
ARG OXT HXT  sing N N 38  
ASN N   CA   sing N N 39  
ASN N   H    sing N N 40  
ASN N   H2   sing N N 41  
ASN CA  C    sing N N 42  
ASN CA  CB   sing N N 43  
ASN CA  HA   sing N N 44  
ASN C   O    doub N N 45  
ASN C   OXT  sing N N 46  
ASN CB  CG   sing N N 47  
ASN CB  HB2  sing N N 48  
ASN CB  HB3  sing N N 49  
ASN CG  OD1  doub N N 50  
ASN CG  ND2  sing N N 51  
ASN ND2 HD21 sing N N 52  
ASN ND2 HD22 sing N N 53  
ASN OXT HXT  sing N N 54  
ASP N   CA   sing N N 55  
ASP N   H    sing N N 56  
ASP N   H2   sing N N 57  
ASP CA  C    sing N N 58  
ASP CA  CB   sing N N 59  
ASP CA  HA   sing N N 60  
ASP C   O    doub N N 61  
ASP C   OXT  sing N N 62  
ASP CB  CG   sing N N 63  
ASP CB  HB2  sing N N 64  
ASP CB  HB3  sing N N 65  
ASP CG  OD1  doub N N 66  
ASP CG  OD2  sing N N 67  
ASP OD2 HD2  sing N N 68  
ASP OXT HXT  sing N N 69  
CYS N   CA   sing N N 70  
CYS N   H    sing N N 71  
CYS N   H2   sing N N 72  
CYS CA  C    sing N N 73  
CYS CA  CB   sing N N 74  
CYS CA  HA   sing N N 75  
CYS C   O    doub N N 76  
CYS C   OXT  sing N N 77  
CYS CB  SG   sing N N 78  
CYS CB  HB2  sing N N 79  
CYS CB  HB3  sing N N 80  
CYS SG  HG   sing N N 81  
CYS OXT HXT  sing N N 82  
GLU N   CA   sing N N 83  
GLU N   H    sing N N 84  
GLU N   H2   sing N N 85  
GLU CA  C    sing N N 86  
GLU CA  CB   sing N N 87  
GLU CA  HA   sing N N 88  
GLU C   O    doub N N 89  
GLU C   OXT  sing N N 90  
GLU CB  CG   sing N N 91  
GLU CB  HB2  sing N N 92  
GLU CB  HB3  sing N N 93  
GLU CG  CD   sing N N 94  
GLU CG  HG2  sing N N 95  
GLU CG  HG3  sing N N 96  
GLU CD  OE1  doub N N 97  
GLU CD  OE2  sing N N 98  
GLU OE2 HE2  sing N N 99  
GLU OXT HXT  sing N N 100 
GLY N   CA   sing N N 101 
GLY N   H    sing N N 102 
GLY N   H2   sing N N 103 
GLY CA  C    sing N N 104 
GLY CA  HA2  sing N N 105 
GLY CA  HA3  sing N N 106 
GLY C   O    doub N N 107 
GLY C   OXT  sing N N 108 
GLY OXT HXT  sing N N 109 
HIS N   CA   sing N N 110 
HIS N   H    sing N N 111 
HIS N   H2   sing N N 112 
HIS CA  C    sing N N 113 
HIS CA  CB   sing N N 114 
HIS CA  HA   sing N N 115 
HIS C   O    doub N N 116 
HIS C   OXT  sing N N 117 
HIS CB  CG   sing N N 118 
HIS CB  HB2  sing N N 119 
HIS CB  HB3  sing N N 120 
HIS CG  ND1  sing Y N 121 
HIS CG  CD2  doub Y N 122 
HIS ND1 CE1  doub Y N 123 
HIS ND1 HD1  sing N N 124 
HIS CD2 NE2  sing Y N 125 
HIS CD2 HD2  sing N N 126 
HIS CE1 NE2  sing Y N 127 
HIS CE1 HE1  sing N N 128 
HIS NE2 HE2  sing N N 129 
HIS OXT HXT  sing N N 130 
ILE N   CA   sing N N 131 
ILE N   H    sing N N 132 
ILE N   H2   sing N N 133 
ILE CA  C    sing N N 134 
ILE CA  CB   sing N N 135 
ILE CA  HA   sing N N 136 
ILE C   O    doub N N 137 
ILE C   OXT  sing N N 138 
ILE CB  CG1  sing N N 139 
ILE CB  CG2  sing N N 140 
ILE CB  HB   sing N N 141 
ILE CG1 CD1  sing N N 142 
ILE CG1 HG12 sing N N 143 
ILE CG1 HG13 sing N N 144 
ILE CG2 HG21 sing N N 145 
ILE CG2 HG22 sing N N 146 
ILE CG2 HG23 sing N N 147 
ILE CD1 HD11 sing N N 148 
ILE CD1 HD12 sing N N 149 
ILE CD1 HD13 sing N N 150 
ILE OXT HXT  sing N N 151 
LEU N   CA   sing N N 152 
LEU N   H    sing N N 153 
LEU N   H2   sing N N 154 
LEU CA  C    sing N N 155 
LEU CA  CB   sing N N 156 
LEU CA  HA   sing N N 157 
LEU C   O    doub N N 158 
LEU C   OXT  sing N N 159 
LEU CB  CG   sing N N 160 
LEU CB  HB2  sing N N 161 
LEU CB  HB3  sing N N 162 
LEU CG  CD1  sing N N 163 
LEU CG  CD2  sing N N 164 
LEU CG  HG   sing N N 165 
LEU CD1 HD11 sing N N 166 
LEU CD1 HD12 sing N N 167 
LEU CD1 HD13 sing N N 168 
LEU CD2 HD21 sing N N 169 
LEU CD2 HD22 sing N N 170 
LEU CD2 HD23 sing N N 171 
LEU OXT HXT  sing N N 172 
LYS N   CA   sing N N 173 
LYS N   H    sing N N 174 
LYS N   H2   sing N N 175 
LYS CA  C    sing N N 176 
LYS CA  CB   sing N N 177 
LYS CA  HA   sing N N 178 
LYS C   O    doub N N 179 
LYS C   OXT  sing N N 180 
LYS CB  CG   sing N N 181 
LYS CB  HB2  sing N N 182 
LYS CB  HB3  sing N N 183 
LYS CG  CD   sing N N 184 
LYS CG  HG2  sing N N 185 
LYS CG  HG3  sing N N 186 
LYS CD  CE   sing N N 187 
LYS CD  HD2  sing N N 188 
LYS CD  HD3  sing N N 189 
LYS CE  NZ   sing N N 190 
LYS CE  HE2  sing N N 191 
LYS CE  HE3  sing N N 192 
LYS NZ  HZ1  sing N N 193 
LYS NZ  HZ2  sing N N 194 
LYS NZ  HZ3  sing N N 195 
LYS OXT HXT  sing N N 196 
PRO N   CA   sing N N 197 
PRO N   CD   sing N N 198 
PRO N   H    sing N N 199 
PRO CA  C    sing N N 200 
PRO CA  CB   sing N N 201 
PRO CA  HA   sing N N 202 
PRO C   O    doub N N 203 
PRO C   OXT  sing N N 204 
PRO CB  CG   sing N N 205 
PRO CB  HB2  sing N N 206 
PRO CB  HB3  sing N N 207 
PRO CG  CD   sing N N 208 
PRO CG  HG2  sing N N 209 
PRO CG  HG3  sing N N 210 
PRO CD  HD2  sing N N 211 
PRO CD  HD3  sing N N 212 
PRO OXT HXT  sing N N 213 
SER N   CA   sing N N 214 
SER N   H    sing N N 215 
SER N   H2   sing N N 216 
SER CA  C    sing N N 217 
SER CA  CB   sing N N 218 
SER CA  HA   sing N N 219 
SER C   O    doub N N 220 
SER C   OXT  sing N N 221 
SER CB  OG   sing N N 222 
SER CB  HB2  sing N N 223 
SER CB  HB3  sing N N 224 
SER OG  HG   sing N N 225 
SER OXT HXT  sing N N 226 
THR N   CA   sing N N 227 
THR N   H    sing N N 228 
THR N   H2   sing N N 229 
THR CA  C    sing N N 230 
THR CA  CB   sing N N 231 
THR CA  HA   sing N N 232 
THR C   O    doub N N 233 
THR C   OXT  sing N N 234 
THR CB  OG1  sing N N 235 
THR CB  CG2  sing N N 236 
THR CB  HB   sing N N 237 
THR OG1 HG1  sing N N 238 
THR CG2 HG21 sing N N 239 
THR CG2 HG22 sing N N 240 
THR CG2 HG23 sing N N 241 
THR OXT HXT  sing N N 242 
TYR N   CA   sing N N 243 
TYR N   H    sing N N 244 
TYR N   H2   sing N N 245 
TYR CA  C    sing N N 246 
TYR CA  CB   sing N N 247 
TYR CA  HA   sing N N 248 
TYR C   O    doub N N 249 
TYR C   OXT  sing N N 250 
TYR CB  CG   sing N N 251 
TYR CB  HB2  sing N N 252 
TYR CB  HB3  sing N N 253 
TYR CG  CD1  doub Y N 254 
TYR CG  CD2  sing Y N 255 
TYR CD1 CE1  sing Y N 256 
TYR CD1 HD1  sing N N 257 
TYR CD2 CE2  doub Y N 258 
TYR CD2 HD2  sing N N 259 
TYR CE1 CZ   doub Y N 260 
TYR CE1 HE1  sing N N 261 
TYR CE2 CZ   sing Y N 262 
TYR CE2 HE2  sing N N 263 
TYR CZ  OH   sing N N 264 
TYR OH  HH   sing N N 265 
TYR OXT HXT  sing N N 266 
VAL N   CA   sing N N 267 
VAL N   H    sing N N 268 
VAL N   H2   sing N N 269 
VAL CA  C    sing N N 270 
VAL CA  CB   sing N N 271 
VAL CA  HA   sing N N 272 
VAL C   O    doub N N 273 
VAL C   OXT  sing N N 274 
VAL CB  CG1  sing N N 275 
VAL CB  CG2  sing N N 276 
VAL CB  HB   sing N N 277 
VAL CG1 HG11 sing N N 278 
VAL CG1 HG12 sing N N 279 
VAL CG1 HG13 sing N N 280 
VAL CG2 HG21 sing N N 281 
VAL CG2 HG22 sing N N 282 
VAL CG2 HG23 sing N N 283 
VAL OXT HXT  sing N N 284 
# 
loop_
_pdbx_nmr_spectrometer.spectrometer_id 
_pdbx_nmr_spectrometer.type 
_pdbx_nmr_spectrometer.manufacturer 
_pdbx_nmr_spectrometer.model 
_pdbx_nmr_spectrometer.field_strength 
1 ? Varian UNITY 600 
2 ? Bruker DMX   500 
3 ? Bruker DMX   360 
# 
_atom_sites.entry_id                    1JJD 
_atom_sites.fract_transf_matrix[1][1]   1.000000 
_atom_sites.fract_transf_matrix[1][2]   0.000000 
_atom_sites.fract_transf_matrix[1][3]   0.000000 
_atom_sites.fract_transf_matrix[2][1]   0.000000 
_atom_sites.fract_transf_matrix[2][2]   1.000000 
_atom_sites.fract_transf_matrix[2][3]   0.000000 
_atom_sites.fract_transf_matrix[3][1]   0.000000 
_atom_sites.fract_transf_matrix[3][2]   0.000000 
_atom_sites.fract_transf_matrix[3][3]   1.000000 
_atom_sites.fract_transf_vector[1]      0.00000 
_atom_sites.fract_transf_vector[2]      0.00000 
_atom_sites.fract_transf_vector[3]      0.00000 
# 
loop_
_atom_type.symbol 
C  
H  
N  
O  
S  
ZN 
# 
loop_
_atom_site.group_PDB 
_atom_site.id 
_atom_site.type_symbol 
_atom_site.label_atom_id 
_atom_site.label_alt_id 
_atom_site.label_comp_id 
_atom_site.label_asym_id 
_atom_site.label_entity_id 
_atom_site.label_seq_id 
_atom_site.pdbx_PDB_ins_code 
_atom_site.Cartn_x 
_atom_site.Cartn_y 
_atom_site.Cartn_z 
_atom_site.occupancy 
_atom_site.B_iso_or_equiv 
_atom_site.pdbx_formal_charge 
_atom_site.auth_seq_id 
_atom_site.auth_comp_id 
_atom_site.auth_asym_id 
_atom_site.auth_atom_id 
_atom_site.pdbx_PDB_model_num 
ATOM   1   N  N    . THR A 1 4  ? -15.933 6.699   3.478   1.00 0.00 ? 5   THR A N    1 
ATOM   2   C  CA   . THR A 1 4  ? -15.016 6.282   4.529   1.00 0.00 ? 5   THR A CA   1 
ATOM   3   C  C    . THR A 1 4  ? -13.784 5.724   3.858   1.00 0.00 ? 5   THR A C    1 
ATOM   4   O  O    . THR A 1 4  ? -13.945 5.062   2.845   1.00 0.00 ? 5   THR A O    1 
ATOM   5   C  CB   . THR A 1 4  ? -15.642 5.182   5.436   1.00 0.00 ? 5   THR A CB   1 
ATOM   6   O  OG1  . THR A 1 4  ? -15.570 3.891   4.807   1.00 0.00 ? 5   THR A OG1  1 
ATOM   7   C  CG2  . THR A 1 4  ? -17.111 5.501   5.822   1.00 0.00 ? 5   THR A CG2  1 
ATOM   8   H  H    . THR A 1 4  ? -16.625 7.393   3.687   1.00 0.00 ? 5   THR A H    1 
ATOM   9   H  HA   . THR A 1 4  ? -14.762 7.166   5.141   1.00 0.00 ? 5   THR A HA   1 
ATOM   10  H  HB   . THR A 1 4  ? -15.039 5.103   6.357   1.00 0.00 ? 5   THR A HB   1 
ATOM   11  H  HG1  . THR A 1 4  ? -16.039 3.861   3.981   1.00 0.00 ? 5   THR A HG1  1 
ATOM   12  H  HG21 . THR A 1 4  ? -17.754 5.493   4.929   1.00 0.00 ? 5   THR A HG21 1 
ATOM   13  H  HG22 . THR A 1 4  ? -17.186 6.488   6.305   1.00 0.00 ? 5   THR A HG22 1 
ATOM   14  H  HG23 . THR A 1 4  ? -17.490 4.737   6.520   1.00 0.00 ? 5   THR A HG23 1 
ATOM   15  N  N    . LEU A 1 5  ? -12.559 5.965   4.381   1.00 0.00 ? 6   LEU A N    1 
ATOM   16  C  CA   . LEU A 1 5  ? -11.365 5.380   3.766   1.00 0.00 ? 6   LEU A CA   1 
ATOM   17  C  C    . LEU A 1 5  ? -11.093 4.040   4.401   1.00 0.00 ? 6   LEU A C    1 
ATOM   18  O  O    . LEU A 1 5  ? -11.508 3.841   5.532   1.00 0.00 ? 6   LEU A O    1 
ATOM   19  C  CB   . LEU A 1 5  ? -10.116 6.277   3.952   1.00 0.00 ? 6   LEU A CB   1 
ATOM   20  C  CG   . LEU A 1 5  ? -10.239 7.621   3.175   1.00 0.00 ? 6   LEU A CG   1 
ATOM   21  C  CD1  . LEU A 1 5  ? -9.464  8.755   3.900   1.00 0.00 ? 6   LEU A CD1  1 
ATOM   22  C  CD2  . LEU A 1 5  ? -9.722  7.466   1.716   1.00 0.00 ? 6   LEU A CD2  1 
ATOM   23  H  H    . LEU A 1 5  ? -12.449 6.489   5.228   1.00 0.00 ? 6   LEU A H    1 
ATOM   24  H  HA   . LEU A 1 5  ? -11.524 5.239   2.684   1.00 0.00 ? 6   LEU A HA   1 
ATOM   25  H  HB2  . LEU A 1 5  ? -10.005 6.451   5.034   1.00 0.00 ? 6   LEU A HB2  1 
ATOM   26  H  HB3  . LEU A 1 5  ? -9.229  5.725   3.600   1.00 0.00 ? 6   LEU A HB3  1 
ATOM   27  H  HG   . LEU A 1 5  ? -11.300 7.926   3.143   1.00 0.00 ? 6   LEU A HG   1 
ATOM   28  H  HD11 . LEU A 1 5  ? -8.396  8.508   3.980   1.00 0.00 ? 6   LEU A HD11 1 
ATOM   29  H  HD12 . LEU A 1 5  ? -9.867  8.908   4.913   1.00 0.00 ? 6   LEU A HD12 1 
ATOM   30  H  HD13 . LEU A 1 5  ? -9.562  9.701   3.346   1.00 0.00 ? 6   LEU A HD13 1 
ATOM   31  H  HD21 . LEU A 1 5  ? -10.251 6.659   1.188   1.00 0.00 ? 6   LEU A HD21 1 
ATOM   32  H  HD22 . LEU A 1 5  ? -8.648  7.229   1.714   1.00 0.00 ? 6   LEU A HD22 1 
ATOM   33  H  HD23 . LEU A 1 5  ? -9.867  8.403   1.157   1.00 0.00 ? 6   LEU A HD23 1 
ATOM   34  N  N    . VAL A 1 6  ? -10.408 3.126   3.673   1.00 0.00 ? 7   VAL A N    1 
ATOM   35  C  CA   . VAL A 1 6  ? -10.017 1.824   4.217   1.00 0.00 ? 7   VAL A CA   1 
ATOM   36  C  C    . VAL A 1 6  ? -8.505  1.766   4.305   1.00 0.00 ? 7   VAL A C    1 
ATOM   37  O  O    . VAL A 1 6  ? -7.848  2.507   3.592   1.00 0.00 ? 7   VAL A O    1 
ATOM   38  C  CB   . VAL A 1 6  ? -10.706 0.638   3.465   1.00 0.00 ? 7   VAL A CB   1 
ATOM   39  C  CG1  . VAL A 1 6  ? -11.671 1.145   2.365   1.00 0.00 ? 7   VAL A CG1  1 
ATOM   40  C  CG2  . VAL A 1 6  ? -9.703  -0.337  2.802   1.00 0.00 ? 7   VAL A CG2  1 
ATOM   41  H  H    . VAL A 1 6  ? -10.056 3.364   2.769   1.00 0.00 ? 7   VAL A H    1 
ATOM   42  H  HA   . VAL A 1 6  ? -10.358 1.765   5.262   1.00 0.00 ? 7   VAL A HA   1 
ATOM   43  H  HB   . VAL A 1 6  ? -11.318 0.042   4.164   1.00 0.00 ? 7   VAL A HB   1 
ATOM   44  H  HG11 . VAL A 1 6  ? -11.055 1.637   1.605   1.00 0.00 ? 7   VAL A HG11 1 
ATOM   45  H  HG12 . VAL A 1 6  ? -12.406 1.860   2.757   1.00 0.00 ? 7   VAL A HG12 1 
ATOM   46  H  HG13 . VAL A 1 6  ? -12.222 0.320   1.888   1.00 0.00 ? 7   VAL A HG13 1 
ATOM   47  H  HG21 . VAL A 1 6  ? -9.092  -0.859  3.549   1.00 0.00 ? 7   VAL A HG21 1 
ATOM   48  H  HG22 . VAL A 1 6  ? -9.044  0.193   2.100   1.00 0.00 ? 7   VAL A HG22 1 
ATOM   49  H  HG23 . VAL A 1 6  ? -10.266 -1.090  2.237   1.00 0.00 ? 7   VAL A HG23 1 
ATOM   50  N  N    . LYS A 1 7  ? -7.939  0.902   5.176   1.00 0.00 ? 8   LYS A N    1 
ATOM   51  C  CA   . LYS A 1 7  ? -6.480  0.741   5.248   1.00 0.00 ? 8   LYS A CA   1 
ATOM   52  C  C    . LYS A 1 7  ? -5.892  0.260   3.939   1.00 0.00 ? 8   LYS A C    1 
ATOM   53  O  O    . LYS A 1 7  ? -6.619  0.008   2.993   1.00 0.00 ? 8   LYS A O    1 
ATOM   54  C  CB   . LYS A 1 7  ? -6.074  -0.174  6.457   1.00 0.00 ? 8   LYS A CB   1 
ATOM   55  C  CG   . LYS A 1 7  ? -5.646  0.666   7.698   1.00 0.00 ? 8   LYS A CG   1 
ATOM   56  C  CD   . LYS A 1 7  ? -5.989  0.011   9.064   1.00 0.00 ? 8   LYS A CD   1 
ATOM   57  C  CE   . LYS A 1 7  ? -5.211  -1.295  9.371   1.00 0.00 ? 8   LYS A CE   1 
ATOM   58  N  NZ   . LYS A 1 7  ? -5.673  -1.878  10.653  1.00 0.00 ? 8   LYS A NZ   1 
ATOM   59  H  H    . LYS A 1 7  ? -8.535  0.335   5.746   1.00 0.00 ? 8   LYS A H    1 
ATOM   60  H  HA   . LYS A 1 7  ? -6.030  1.741   5.371   1.00 0.00 ? 8   LYS A HA   1 
ATOM   61  H  HB2  . LYS A 1 7  ? -6.904  -0.840  6.725   1.00 0.00 ? 8   LYS A HB2  1 
ATOM   62  H  HB3  . LYS A 1 7  ? -5.251  -0.857  6.199   1.00 0.00 ? 8   LYS A HB3  1 
ATOM   63  H  HG2  . LYS A 1 7  ? -4.566  0.887   7.641   1.00 0.00 ? 8   LYS A HG2  1 
ATOM   64  H  HG3  . LYS A 1 7  ? -6.179  1.629   7.696   1.00 0.00 ? 8   LYS A HG3  1 
ATOM   65  H  HD2  . LYS A 1 7  ? -5.761  0.731   9.868   1.00 0.00 ? 8   LYS A HD2  1 
ATOM   66  H  HD3  . LYS A 1 7  ? -7.071  -0.190  9.097   1.00 0.00 ? 8   LYS A HD3  1 
ATOM   67  H  HE2  . LYS A 1 7  ? -5.358  -2.027  8.561   1.00 0.00 ? 8   LYS A HE2  1 
ATOM   68  H  HE3  . LYS A 1 7  ? -4.132  -1.070  9.432   1.00 0.00 ? 8   LYS A HE3  1 
ATOM   69  H  HZ1  . LYS A 1 7  ? -6.706  -2.194  10.598  1.00 0.00 ? 8   LYS A HZ1  1 
ATOM   70  H  HZ2  . LYS A 1 7  ? -5.607  -1.173  11.472  1.00 0.00 ? 8   LYS A HZ2  1 
ATOM   71  H  HZ3  . LYS A 1 7  ? -5.096  -2.748  10.940  1.00 0.00 ? 8   LYS A HZ3  1 
ATOM   72  N  N    . CYS A 1 8  ? -4.548  0.107   3.902   1.00 0.00 ? 9   CYS A N    1 
ATOM   73  C  CA   . CYS A 1 8  ? -3.866  -0.491  2.756   1.00 0.00 ? 9   CYS A CA   1 
ATOM   74  C  C    . CYS A 1 8  ? -3.512  -1.894  3.197   1.00 0.00 ? 9   CYS A C    1 
ATOM   75  O  O    . CYS A 1 8  ? -3.565  -2.176  4.383   1.00 0.00 ? 9   CYS A O    1 
ATOM   76  C  CB   . CYS A 1 8  ? -2.577  0.328   2.428   1.00 0.00 ? 9   CYS A CB   1 
ATOM   77  S  SG   . CYS A 1 8  ? -1.465  -0.554  1.280   1.00 0.00 ? 9   CYS A SG   1 
ATOM   78  H  H    . CYS A 1 8  ? -3.977  0.389   4.674   1.00 0.00 ? 9   CYS A H    1 
ATOM   79  H  HA   . CYS A 1 8  ? -4.493  -0.542  1.854   1.00 0.00 ? 9   CYS A HA   1 
ATOM   80  H  HB2  . CYS A 1 8  ? -2.847  1.306   2.000   1.00 0.00 ? 9   CYS A HB2  1 
ATOM   81  H  HB3  . CYS A 1 8  ? -1.997  0.501   3.345   1.00 0.00 ? 9   CYS A HB3  1 
ATOM   82  N  N    . ALA A 1 9  ? -3.125  -2.798  2.270   1.00 0.00 ? 10  ALA A N    1 
ATOM   83  C  CA   . ALA A 1 9  ? -2.840  -4.183  2.657   1.00 0.00 ? 10  ALA A CA   1 
ATOM   84  C  C    . ALA A 1 9  ? -1.496  -4.388  3.320   1.00 0.00 ? 10  ALA A C    1 
ATOM   85  O  O    . ALA A 1 9  ? -1.166  -5.532  3.594   1.00 0.00 ? 10  ALA A O    1 
ATOM   86  C  CB   . ALA A 1 9  ? -2.705  -4.979  1.334   1.00 0.00 ? 10  ALA A CB   1 
ATOM   87  H  H    . ALA A 1 9  ? -3.183  -2.567  1.296   1.00 0.00 ? 10  ALA A H    1 
ATOM   88  H  HA   . ALA A 1 9  ? -3.655  -4.599  3.270   1.00 0.00 ? 10  ALA A HA   1 
ATOM   89  H  HB1  . ALA A 1 9  ? -2.468  -6.039  1.495   1.00 0.00 ? 10  ALA A HB1  1 
ATOM   90  H  HB2  . ALA A 1 9  ? -1.896  -4.539  0.736   1.00 0.00 ? 10  ALA A HB2  1 
ATOM   91  H  HB3  . ALA A 1 9  ? -3.643  -4.884  0.777   1.00 0.00 ? 10  ALA A HB3  1 
ATOM   92  N  N    . CYS A 1 10 ? -0.719  -3.324  3.609   1.00 0.00 ? 11  CYS A N    1 
ATOM   93  C  CA   . CYS A 1 10 ? 0.563   -3.496  4.291   1.00 0.00 ? 11  CYS A CA   1 
ATOM   94  C  C    . CYS A 1 10 ? 0.259   -3.162  5.739   1.00 0.00 ? 11  CYS A C    1 
ATOM   95  O  O    . CYS A 1 10 ? -0.255  -2.080  5.972   1.00 0.00 ? 11  CYS A O    1 
ATOM   96  C  CB   . CYS A 1 10 ? 1.624   -2.518  3.707   1.00 0.00 ? 11  CYS A CB   1 
ATOM   97  S  SG   . CYS A 1 10 ? 2.842   -3.194  2.542   1.00 0.00 ? 11  CYS A SG   1 
ATOM   98  H  H    . CYS A 1 10 ? -1.032  -2.393  3.430   1.00 0.00 ? 11  CYS A H    1 
ATOM   99  H  HA   . CYS A 1 10 ? 0.968   -4.515  4.194   1.00 0.00 ? 11  CYS A HA   1 
ATOM   100 H  HB2  . CYS A 1 10 ? 1.135   -1.724  3.131   1.00 0.00 ? 11  CYS A HB2  1 
ATOM   101 H  HB3  . CYS A 1 10 ? 2.217   -2.107  4.533   1.00 0.00 ? 11  CYS A HB3  1 
ATOM   102 N  N    . GLU A 1 11 ? 0.550   -4.048  6.726   1.00 0.00 ? 12  GLU A N    1 
ATOM   103 C  CA   . GLU A 1 11 ? 0.288   -3.716  8.126   1.00 0.00 ? 12  GLU A CA   1 
ATOM   104 C  C    . GLU A 1 11 ? 0.981   -2.416  8.471   1.00 0.00 ? 12  GLU A C    1 
ATOM   105 O  O    . GLU A 1 11 ? 0.274   -1.512  8.890   1.00 0.00 ? 12  GLU A O    1 
ATOM   106 C  CB   . GLU A 1 11 ? 0.673   -4.826  9.159   1.00 0.00 ? 12  GLU A CB   1 
ATOM   107 C  CG   . GLU A 1 11 ? -0.561  -5.601  9.699   1.00 0.00 ? 12  GLU A CG   1 
ATOM   108 C  CD   . GLU A 1 11 ? -0.163  -6.695  10.660  1.00 0.00 ? 12  GLU A CD   1 
ATOM   109 O  OE1  . GLU A 1 11 ? 0.790   -7.457  10.342  1.00 0.00 ? 12  GLU A OE1  1 
ATOM   110 O  OE2  . GLU A 1 11 ? -0.801  -6.809  11.744  1.00 0.00 ? 12  GLU A OE2  1 
ATOM   111 H  H    . GLU A 1 11 ? 0.961   -4.931  6.520   1.00 0.00 ? 12  GLU A H    1 
ATOM   112 H  HA   . GLU A 1 11 ? -0.799  -3.542  8.204   1.00 0.00 ? 12  GLU A HA   1 
ATOM   113 H  HB2  . GLU A 1 11 ? 1.379   -5.544  8.713   1.00 0.00 ? 12  GLU A HB2  1 
ATOM   114 H  HB3  . GLU A 1 11 ? 1.172   -4.377  10.034  1.00 0.00 ? 12  GLU A HB3  1 
ATOM   115 H  HG2  . GLU A 1 11 ? -1.231  -4.893  10.218  1.00 0.00 ? 12  GLU A HG2  1 
ATOM   116 H  HG3  . GLU A 1 11 ? -1.116  -6.054  8.863   1.00 0.00 ? 12  GLU A HG3  1 
ATOM   117 N  N    . PRO A 1 12 ? 2.319   -2.233  8.325   1.00 0.00 ? 13  PRO A N    1 
ATOM   118 C  CA   . PRO A 1 12 ? 2.906   -0.964  8.726   1.00 0.00 ? 13  PRO A CA   1 
ATOM   119 C  C    . PRO A 1 12 ? 2.575   0.201   7.815   1.00 0.00 ? 13  PRO A C    1 
ATOM   120 O  O    . PRO A 1 12 ? 3.069   1.281   8.098   1.00 0.00 ? 13  PRO A O    1 
ATOM   121 C  CB   . PRO A 1 12 ? 4.414   -1.333  8.744   1.00 0.00 ? 13  PRO A CB   1 
ATOM   122 C  CG   . PRO A 1 12 ? 4.536   -2.465  7.701   1.00 0.00 ? 13  PRO A CG   1 
ATOM   123 C  CD   . PRO A 1 12 ? 3.227   -3.274  7.857   1.00 0.00 ? 13  PRO A CD   1 
ATOM   124 H  HA   . PRO A 1 12 ? 2.559   -0.725  9.740   1.00 0.00 ? 13  PRO A HA   1 
ATOM   125 H  HB2  . PRO A 1 12 ? 5.100   -0.496  8.524   1.00 0.00 ? 13  PRO A HB2  1 
ATOM   126 H  HB3  . PRO A 1 12 ? 4.673   -1.753  9.732   1.00 0.00 ? 13  PRO A HB3  1 
ATOM   127 H  HG2  . PRO A 1 12 ? 4.541   -2.016  6.699   1.00 0.00 ? 13  PRO A HG2  1 
ATOM   128 H  HG3  . PRO A 1 12 ? 5.453   -3.069  7.831   1.00 0.00 ? 13  PRO A HG3  1 
ATOM   129 H  HD2  . PRO A 1 12 ? 2.959   -3.724  6.890   1.00 0.00 ? 13  PRO A HD2  1 
ATOM   130 H  HD3  . PRO A 1 12 ? 3.351   -4.052  8.625   1.00 0.00 ? 13  PRO A HD3  1 
ATOM   131 N  N    . CYS A 1 13 ? 1.756   0.043   6.744   1.00 0.00 ? 14  CYS A N    1 
ATOM   132 C  CA   . CYS A 1 13 ? 1.408   1.184   5.898   1.00 0.00 ? 14  CYS A CA   1 
ATOM   133 C  C    . CYS A 1 13 ? 0.401   2.048   6.620   1.00 0.00 ? 14  CYS A C    1 
ATOM   134 O  O    . CYS A 1 13 ? -0.631  1.529   7.015   1.00 0.00 ? 14  CYS A O    1 
ATOM   135 C  CB   . CYS A 1 13 ? 1.013   0.711   4.470   1.00 0.00 ? 14  CYS A CB   1 
ATOM   136 S  SG   . CYS A 1 13 ? 0.840   1.992   3.198   1.00 0.00 ? 14  CYS A SG   1 
ATOM   137 H  H    . CYS A 1 13 ? 1.341   -0.835  6.522   1.00 0.00 ? 14  CYS A H    1 
ATOM   138 H  HA   . CYS A 1 13 ? 2.309   1.782   5.770   1.00 0.00 ? 14  CYS A HA   1 
ATOM   139 H  HB2  . CYS A 1 13 ? 1.860   0.137   4.090   1.00 0.00 ? 14  CYS A HB2  1 
ATOM   140 H  HB3  . CYS A 1 13 ? 0.106   0.093   4.504   1.00 0.00 ? 14  CYS A HB3  1 
ATOM   141 N  N    . LEU A 1 14 ? 0.706   3.358   6.814   1.00 0.00 ? 15  LEU A N    1 
ATOM   142 C  CA   . LEU A 1 14 ? -0.201  4.265   7.507   1.00 0.00 ? 15  LEU A CA   1 
ATOM   143 C  C    . LEU A 1 14 ? -1.130  4.918   6.502   1.00 0.00 ? 15  LEU A C    1 
ATOM   144 O  O    . LEU A 1 14 ? -1.818  5.855   6.874   1.00 0.00 ? 15  LEU A O    1 
ATOM   145 C  CB   . LEU A 1 14 ? 0.617   5.350   8.279   1.00 0.00 ? 15  LEU A CB   1 
ATOM   146 C  CG   . LEU A 1 14 ? 1.732   4.770   9.219   1.00 0.00 ? 15  LEU A CG   1 
ATOM   147 C  CD1  . LEU A 1 14 ? 3.169   4.915   8.630   1.00 0.00 ? 15  LEU A CD1  1 
ATOM   148 C  CD2  . LEU A 1 14 ? 1.710   5.463   10.612  1.00 0.00 ? 15  LEU A CD2  1 
ATOM   149 H  H    . LEU A 1 14 ? 1.505   3.781   6.395   1.00 0.00 ? 15  LEU A H    1 
ATOM   150 H  HA   . LEU A 1 14 ? -0.812  3.715   8.244   1.00 0.00 ? 15  LEU A HA   1 
ATOM   151 H  HB2  . LEU A 1 14 ? 1.072   6.041   7.552   1.00 0.00 ? 15  LEU A HB2  1 
ATOM   152 H  HB3  . LEU A 1 14 ? -0.104  5.939   8.870   1.00 0.00 ? 15  LEU A HB3  1 
ATOM   153 H  HG   . LEU A 1 14 ? 1.537   3.696   9.389   1.00 0.00 ? 15  LEU A HG   1 
ATOM   154 H  HD11 . LEU A 1 14 ? 3.405   5.978   8.467   1.00 0.00 ? 15  LEU A HD11 1 
ATOM   155 H  HD12 . LEU A 1 14 ? 3.287   4.386   7.678   1.00 0.00 ? 15  LEU A HD12 1 
ATOM   156 H  HD13 . LEU A 1 14 ? 3.920   4.503   9.322   1.00 0.00 ? 15  LEU A HD13 1 
ATOM   157 H  HD21 . LEU A 1 14 ? 0.734   5.315   11.102  1.00 0.00 ? 15  LEU A HD21 1 
ATOM   158 H  HD22 . LEU A 1 14 ? 1.889   6.544   10.504  1.00 0.00 ? 15  LEU A HD22 1 
ATOM   159 H  HD23 . LEU A 1 14 ? 2.485   5.048   11.275  1.00 0.00 ? 15  LEU A HD23 1 
ATOM   160 N  N    . CYS A 1 15 ? -1.151  4.477   5.219   1.00 0.00 ? 16  CYS A N    1 
ATOM   161 C  CA   . CYS A 1 15 ? -1.906  5.192   4.195   1.00 0.00 ? 16  CYS A CA   1 
ATOM   162 C  C    . CYS A 1 15 ? -3.359  4.816   4.288   1.00 0.00 ? 16  CYS A C    1 
ATOM   163 O  O    . CYS A 1 15 ? -3.643  3.682   4.636   1.00 0.00 ? 16  CYS A O    1 
ATOM   164 C  CB   . CYS A 1 15 ? -1.397  4.888   2.761   1.00 0.00 ? 16  CYS A CB   1 
ATOM   165 S  SG   . CYS A 1 15 ? 0.391   5.141   2.846   1.00 0.00 ? 16  CYS A SG   1 
ATOM   166 H  H    . CYS A 1 15 ? -0.677  3.652   4.925   1.00 0.00 ? 16  CYS A H    1 
ATOM   167 H  HA   . CYS A 1 15 ? -1.768  6.275   4.363   1.00 0.00 ? 16  CYS A HA   1 
ATOM   168 H  HB2  . CYS A 1 15 ? -1.599  3.844   2.478   1.00 0.00 ? 16  CYS A HB2  1 
ATOM   169 H  HB3  . CYS A 1 15 ? -1.840  5.565   2.013   1.00 0.00 ? 16  CYS A HB3  1 
ATOM   170 N  N    . ASN A 1 16 ? -4.271  5.764   3.980   1.00 0.00 ? 17  ASN A N    1 
ATOM   171 C  CA   . ASN A 1 16 ? -5.700  5.474   4.001   1.00 0.00 ? 17  ASN A CA   1 
ATOM   172 C  C    . ASN A 1 16 ? -6.172  5.564   2.568   1.00 0.00 ? 17  ASN A C    1 
ATOM   173 O  O    . ASN A 1 16 ? -6.241  6.681   2.082   1.00 0.00 ? 17  ASN A O    1 
ATOM   174 C  CB   . ASN A 1 16 ? -6.354  6.519   4.941   1.00 0.00 ? 17  ASN A CB   1 
ATOM   175 C  CG   . ASN A 1 16 ? -5.835  6.427   6.356   1.00 0.00 ? 17  ASN A CG   1 
ATOM   176 O  OD1  . ASN A 1 16 ? -5.001  5.584   6.651   1.00 0.00 ? 17  ASN A OD1  1 
ATOM   177 N  ND2  . ASN A 1 16 ? -6.328  7.298   7.262   1.00 0.00 ? 17  ASN A ND2  1 
ATOM   178 H  H    . ASN A 1 16 ? -3.990  6.681   3.685   1.00 0.00 ? 17  ASN A H    1 
ATOM   179 H  HA   . ASN A 1 16 ? -5.929  4.478   4.414   1.00 0.00 ? 17  ASN A HA   1 
ATOM   180 H  HB2  . ASN A 1 16 ? -6.165  7.536   4.561   1.00 0.00 ? 17  ASN A HB2  1 
ATOM   181 H  HB3  . ASN A 1 16 ? -7.437  6.350   4.977   1.00 0.00 ? 17  ASN A HB3  1 
ATOM   182 H  HD21 . ASN A 1 16 ? -7.012  7.981   7.001   1.00 0.00 ? 17  ASN A HD21 1 
ATOM   183 H  HD22 . ASN A 1 16 ? -6.012  7.263   8.211   1.00 0.00 ? 17  ASN A HD22 1 
ATOM   184 N  N    . VAL A 1 17 ? -6.462  4.432   1.875   1.00 0.00 ? 18  VAL A N    1 
ATOM   185 C  CA   . VAL A 1 17 ? -6.895  4.482   0.475   1.00 0.00 ? 18  VAL A CA   1 
ATOM   186 C  C    . VAL A 1 17 ? -8.326  4.029   0.321   1.00 0.00 ? 18  VAL A C    1 
ATOM   187 O  O    . VAL A 1 17 ? -8.900  3.599   1.309   1.00 0.00 ? 18  VAL A O    1 
ATOM   188 C  CB   . VAL A 1 17 ? -5.903  3.693   -0.424  1.00 0.00 ? 18  VAL A CB   1 
ATOM   189 C  CG1  . VAL A 1 17 ? -4.463  4.164   -0.105  1.00 0.00 ? 18  VAL A CG1  1 
ATOM   190 C  CG2  . VAL A 1 17 ? -6.023  2.148   -0.277  1.00 0.00 ? 18  VAL A CG2  1 
ATOM   191 H  H    . VAL A 1 17 ? -6.406  3.533   2.309   1.00 0.00 ? 18  VAL A H    1 
ATOM   192 H  HA   . VAL A 1 17 ? -6.895  5.521   0.106   1.00 0.00 ? 18  VAL A HA   1 
ATOM   193 H  HB   . VAL A 1 17 ? -6.105  3.946   -1.480  1.00 0.00 ? 18  VAL A HB   1 
ATOM   194 H  HG11 . VAL A 1 17 ? -4.086  3.694   0.817   1.00 0.00 ? 18  VAL A HG11 1 
ATOM   195 H  HG12 . VAL A 1 17 ? -4.399  5.256   -0.001  1.00 0.00 ? 18  VAL A HG12 1 
ATOM   196 H  HG13 . VAL A 1 17 ? -3.827  3.883   -0.947  1.00 0.00 ? 18  VAL A HG13 1 
ATOM   197 H  HG21 . VAL A 1 17 ? -7.034  1.809   -0.549  1.00 0.00 ? 18  VAL A HG21 1 
ATOM   198 H  HG22 . VAL A 1 17 ? -5.811  1.817   0.749   1.00 0.00 ? 18  VAL A HG22 1 
ATOM   199 H  HG23 . VAL A 1 17 ? -5.301  1.656   -0.947  1.00 0.00 ? 18  VAL A HG23 1 
ATOM   200 N  N    . ASP A 1 18 ? -8.902  4.120   -0.904  1.00 0.00 ? 19  ASP A N    1 
ATOM   201 C  CA   . ASP A 1 18 ? -10.289 3.710   -1.140  1.00 0.00 ? 19  ASP A CA   1 
ATOM   202 C  C    . ASP A 1 18 ? -10.254 2.486   -2.036  1.00 0.00 ? 19  ASP A C    1 
ATOM   203 O  O    . ASP A 1 18 ? -9.270  2.370   -2.747  1.00 0.00 ? 19  ASP A O    1 
ATOM   204 C  CB   . ASP A 1 18 ? -11.040 4.910   -1.790  1.00 0.00 ? 19  ASP A CB   1 
ATOM   205 C  CG   . ASP A 1 18 ? -12.410 5.149   -1.206  1.00 0.00 ? 19  ASP A CG   1 
ATOM   206 O  OD1  . ASP A 1 18 ? -12.498 5.341   0.038   1.00 0.00 ? 19  ASP A OD1  1 
ATOM   207 O  OD2  . ASP A 1 18 ? -13.406 5.155   -1.980  1.00 0.00 ? 19  ASP A OD2  1 
ATOM   208 H  H    . ASP A 1 18 ? -8.395  4.469   -1.696  1.00 0.00 ? 19  ASP A H    1 
ATOM   209 H  HA   . ASP A 1 18 ? -10.768 3.460   -0.184  1.00 0.00 ? 19  ASP A HA   1 
ATOM   210 H  HB2  . ASP A 1 18 ? -10.485 5.844   -1.603  1.00 0.00 ? 19  ASP A HB2  1 
ATOM   211 H  HB3  . ASP A 1 18 ? -11.095 4.782   -2.883  1.00 0.00 ? 19  ASP A HB3  1 
ATOM   212 N  N    . PRO A 1 19 ? -11.242 1.554   -2.077  1.00 0.00 ? 20  PRO A N    1 
ATOM   213 C  CA   . PRO A 1 19 ? -11.130 0.401   -2.958  1.00 0.00 ? 20  PRO A CA   1 
ATOM   214 C  C    . PRO A 1 19 ? -11.697 0.720   -4.327  1.00 0.00 ? 20  PRO A C    1 
ATOM   215 O  O    . PRO A 1 19 ? -11.644 -0.151  -5.181  1.00 0.00 ? 20  PRO A O    1 
ATOM   216 C  CB   . PRO A 1 19 ? -12.039 -0.560  -2.159  1.00 0.00 ? 20  PRO A CB   1 
ATOM   217 C  CG   . PRO A 1 19 ? -13.193 0.355   -1.698  1.00 0.00 ? 20  PRO A CG   1 
ATOM   218 C  CD   . PRO A 1 19 ? -12.474 1.670   -1.311  1.00 0.00 ? 20  PRO A CD   1 
ATOM   219 H  HA   . PRO A 1 19 ? -10.108 0.000   -3.044  1.00 0.00 ? 20  PRO A HA   1 
ATOM   220 H  HB2  . PRO A 1 19 ? -12.371 -1.437  -2.738  1.00 0.00 ? 20  PRO A HB2  1 
ATOM   221 H  HB3  . PRO A 1 19 ? -11.507 -0.903  -1.258  1.00 0.00 ? 20  PRO A HB3  1 
ATOM   222 H  HG2  . PRO A 1 19 ? -13.855 0.515   -2.560  1.00 0.00 ? 20  PRO A HG2  1 
ATOM   223 H  HG3  . PRO A 1 19 ? -13.787 -0.074  -0.872  1.00 0.00 ? 20  PRO A HG3  1 
ATOM   224 H  HD2  . PRO A 1 19 ? -13.067 2.558   -1.568  1.00 0.00 ? 20  PRO A HD2  1 
ATOM   225 H  HD3  . PRO A 1 19 ? -12.274 1.663   -0.241  1.00 0.00 ? 20  PRO A HD3  1 
ATOM   226 N  N    . SER A 1 20 ? -12.216 1.952   -4.565  1.00 0.00 ? 21  SER A N    1 
ATOM   227 C  CA   . SER A 1 20 ? -12.704 2.339   -5.888  1.00 0.00 ? 21  SER A CA   1 
ATOM   228 C  C    . SER A 1 20 ? -11.560 2.934   -6.693  1.00 0.00 ? 21  SER A C    1 
ATOM   229 O  O    . SER A 1 20 ? -11.635 2.901   -7.912  1.00 0.00 ? 21  SER A O    1 
ATOM   230 C  CB   . SER A 1 20 ? -13.789 3.441   -5.711  1.00 0.00 ? 21  SER A CB   1 
ATOM   231 O  OG   . SER A 1 20 ? -14.467 3.753   -6.937  1.00 0.00 ? 21  SER A OG   1 
ATOM   232 H  H    . SER A 1 20 ? -12.276 2.649   -3.853  1.00 0.00 ? 21  SER A H    1 
ATOM   233 H  HA   . SER A 1 20 ? -13.150 1.474   -6.405  1.00 0.00 ? 21  SER A HA   1 
ATOM   234 H  HB2  . SER A 1 20 ? -14.530 3.134   -4.955  1.00 0.00 ? 21  SER A HB2  1 
ATOM   235 H  HB3  . SER A 1 20 ? -13.300 4.358   -5.354  1.00 0.00 ? 21  SER A HB3  1 
ATOM   236 H  HG   . SER A 1 20 ? -14.950 3.006   -7.291  1.00 0.00 ? 21  SER A HG   1 
ATOM   237 N  N    . LYS A 1 21 ? -10.501 3.467   -6.032  1.00 0.00 ? 22  LYS A N    1 
ATOM   238 C  CA   . LYS A 1 21 ? -9.381  4.118   -6.719  1.00 0.00 ? 22  LYS A CA   1 
ATOM   239 C  C    . LYS A 1 21 ? -8.102  3.310   -6.598  1.00 0.00 ? 22  LYS A C    1 
ATOM   240 O  O    . LYS A 1 21 ? -7.254  3.433   -7.468  1.00 0.00 ? 22  LYS A O    1 
ATOM   241 C  CB   . LYS A 1 21 ? -9.125  5.439   -5.942  1.00 0.00 ? 22  LYS A CB   1 
ATOM   242 C  CG   . LYS A 1 21 ? -8.328  6.523   -6.714  1.00 0.00 ? 22  LYS A CG   1 
ATOM   243 C  CD   . LYS A 1 21 ? -9.171  7.237   -7.815  1.00 0.00 ? 22  LYS A CD   1 
ATOM   244 C  CE   . LYS A 1 21 ? -8.669  8.686   -8.139  1.00 0.00 ? 22  LYS A CE   1 
ATOM   245 N  NZ   . LYS A 1 21 ? -9.683  9.716   -7.814  1.00 0.00 ? 22  LYS A NZ   1 
ATOM   246 H  H    . LYS A 1 21 ? -10.499 3.514   -5.035  1.00 0.00 ? 22  LYS A H    1 
ATOM   247 H  HA   . LYS A 1 21 ? -9.619  4.330   -7.772  1.00 0.00 ? 22  LYS A HA   1 
ATOM   248 H  HB2  . LYS A 1 21 ? -10.083 5.877   -5.635  1.00 0.00 ? 22  LYS A HB2  1 
ATOM   249 H  HB3  . LYS A 1 21 ? -8.587  5.195   -5.013  1.00 0.00 ? 22  LYS A HB3  1 
ATOM   250 H  HG2  . LYS A 1 21 ? -8.021  7.275   -5.973  1.00 0.00 ? 22  LYS A HG2  1 
ATOM   251 H  HG3  . LYS A 1 21 ? -7.412  6.097   -7.156  1.00 0.00 ? 22  LYS A HG3  1 
ATOM   252 H  HD2  . LYS A 1 21 ? -9.192  6.600   -8.720  1.00 0.00 ? 22  LYS A HD2  1 
ATOM   253 H  HD3  . LYS A 1 21 ? -10.215 7.310   -7.477  1.00 0.00 ? 22  LYS A HD3  1 
ATOM   254 H  HE2  . LYS A 1 21 ? -7.753  8.931   -7.582  1.00 0.00 ? 22  LYS A HE2  1 
ATOM   255 H  HE3  . LYS A 1 21 ? -8.418  8.769   -9.211  1.00 0.00 ? 22  LYS A HE3  1 
ATOM   256 H  HZ1  . LYS A 1 21 ? -10.010 9.645   -6.790  1.00 0.00 ? 22  LYS A HZ1  1 
ATOM   257 H  HZ2  . LYS A 1 21 ? -10.571 9.588   -8.408  1.00 0.00 ? 22  LYS A HZ2  1 
ATOM   258 H  HZ3  . LYS A 1 21 ? -9.338  10.708  -8.058  1.00 0.00 ? 22  LYS A HZ3  1 
ATOM   259 N  N    . ALA A 1 22 ? -7.916  2.483   -5.538  1.00 0.00 ? 23  ALA A N    1 
ATOM   260 C  CA   . ALA A 1 22 ? -6.615  1.860   -5.295  1.00 0.00 ? 23  ALA A CA   1 
ATOM   261 C  C    . ALA A 1 22 ? -6.378  0.744   -6.282  1.00 0.00 ? 23  ALA A C    1 
ATOM   262 O  O    . ALA A 1 22 ? -7.263  0.448   -7.070  1.00 0.00 ? 23  ALA A O    1 
ATOM   263 C  CB   . ALA A 1 22 ? -6.570  1.323   -3.838  1.00 0.00 ? 23  ALA A CB   1 
ATOM   264 H  H    . ALA A 1 22 ? -8.634  2.308   -4.865  1.00 0.00 ? 23  ALA A H    1 
ATOM   265 H  HA   . ALA A 1 22 ? -5.819  2.614   -5.415  1.00 0.00 ? 23  ALA A HA   1 
ATOM   266 H  HB1  . ALA A 1 22 ? -5.603  0.886   -3.566  1.00 0.00 ? 23  ALA A HB1  1 
ATOM   267 H  HB2  . ALA A 1 22 ? -7.343  0.553   -3.708  1.00 0.00 ? 23  ALA A HB2  1 
ATOM   268 H  HB3  . ALA A 1 22 ? -6.765  2.150   -3.146  1.00 0.00 ? 23  ALA A HB3  1 
ATOM   269 N  N    . ILE A 1 23 ? -5.181  0.114   -6.239  1.00 0.00 ? 24  ILE A N    1 
ATOM   270 C  CA   . ILE A 1 23 ? -4.865  -0.953  -7.183  1.00 0.00 ? 24  ILE A CA   1 
ATOM   271 C  C    . ILE A 1 23 ? -5.371  -2.184  -6.471  1.00 0.00 ? 24  ILE A C    1 
ATOM   272 O  O    . ILE A 1 23 ? -4.591  -2.881  -5.842  1.00 0.00 ? 24  ILE A O    1 
ATOM   273 C  CB   . ILE A 1 23 ? -3.331  -0.980  -7.467  1.00 0.00 ? 24  ILE A CB   1 
ATOM   274 C  CG1  . ILE A 1 23 ? -2.861  0.385   -8.066  1.00 0.00 ? 24  ILE A CG1  1 
ATOM   275 C  CG2  . ILE A 1 23 ? -2.961  -2.166  -8.406  1.00 0.00 ? 24  ILE A CG2  1 
ATOM   276 C  CD1  . ILE A 1 23 ? -1.347  0.652   -7.843  1.00 0.00 ? 24  ILE A CD1  1 
ATOM   277 H  H    . ILE A 1 23 ? -4.492  0.355   -5.553  1.00 0.00 ? 24  ILE A H    1 
ATOM   278 H  HA   . ILE A 1 23 ? -5.378  -0.814  -8.148  1.00 0.00 ? 24  ILE A HA   1 
ATOM   279 H  HB   . ILE A 1 23 ? -2.811  -1.128  -6.507  1.00 0.00 ? 24  ILE A HB   1 
ATOM   280 H  HG12 . ILE A 1 23 ? -3.095  0.417   -9.142  1.00 0.00 ? 24  ILE A HG12 1 
ATOM   281 H  HG13 . ILE A 1 23 ? -3.398  1.221   -7.590  1.00 0.00 ? 24  ILE A HG13 1 
ATOM   282 H  HG21 . ILE A 1 23 ? -3.482  -2.065  -9.370  1.00 0.00 ? 24  ILE A HG21 1 
ATOM   283 H  HG22 . ILE A 1 23 ? -3.248  -3.130  -7.961  1.00 0.00 ? 24  ILE A HG22 1 
ATOM   284 H  HG23 . ILE A 1 23 ? -1.879  -2.198  -8.596  1.00 0.00 ? 24  ILE A HG23 1 
ATOM   285 H  HD11 . ILE A 1 23 ? -0.722  -0.122  -8.312  1.00 0.00 ? 24  ILE A HD11 1 
ATOM   286 H  HD12 . ILE A 1 23 ? -1.124  0.681   -6.766  1.00 0.00 ? 24  ILE A HD12 1 
ATOM   287 H  HD13 . ILE A 1 23 ? -1.070  1.627   -8.277  1.00 0.00 ? 24  ILE A HD13 1 
ATOM   288 N  N    . ASP A 1 24 ? -6.701  -2.439  -6.547  1.00 0.00 ? 25  ASP A N    1 
ATOM   289 C  CA   . ASP A 1 24 ? -7.276  -3.565  -5.815  1.00 0.00 ? 25  ASP A CA   1 
ATOM   290 C  C    . ASP A 1 24 ? -7.220  -4.777  -6.715  1.00 0.00 ? 25  ASP A C    1 
ATOM   291 O  O    . ASP A 1 24 ? -7.720  -4.686  -7.826  1.00 0.00 ? 25  ASP A O    1 
ATOM   292 C  CB   . ASP A 1 24 ? -8.719  -3.275  -5.315  1.00 0.00 ? 25  ASP A CB   1 
ATOM   293 C  CG   . ASP A 1 24 ? -9.637  -2.878  -6.445  1.00 0.00 ? 25  ASP A CG   1 
ATOM   294 O  OD1  . ASP A 1 24 ? -9.686  -1.660  -6.770  1.00 0.00 ? 25  ASP A OD1  1 
ATOM   295 O  OD2  . ASP A 1 24 ? -10.311 -3.778  -7.018  1.00 0.00 ? 25  ASP A OD2  1 
ATOM   296 H  H    . ASP A 1 24 ? -7.309  -1.866  -7.099  1.00 0.00 ? 25  ASP A H    1 
ATOM   297 H  HA   . ASP A 1 24 ? -6.675  -3.739  -4.914  1.00 0.00 ? 25  ASP A HA   1 
ATOM   298 H  HB2  . ASP A 1 24 ? -9.118  -4.169  -4.809  1.00 0.00 ? 25  ASP A HB2  1 
ATOM   299 H  HB3  . ASP A 1 24 ? -8.690  -2.457  -4.575  1.00 0.00 ? 25  ASP A HB3  1 
ATOM   300 N  N    . ARG A 1 25 ? -6.614  -5.906  -6.268  1.00 0.00 ? 26  ARG A N    1 
ATOM   301 C  CA   . ARG A 1 25 ? -6.490  -7.080  -7.133  1.00 0.00 ? 26  ARG A CA   1 
ATOM   302 C  C    . ARG A 1 25 ? -7.711  -7.953  -6.947  1.00 0.00 ? 26  ARG A C    1 
ATOM   303 O  O    . ARG A 1 25 ? -8.428  -8.179  -7.910  1.00 0.00 ? 26  ARG A O    1 
ATOM   304 C  CB   . ARG A 1 25 ? -5.213  -7.919  -6.829  1.00 0.00 ? 26  ARG A CB   1 
ATOM   305 C  CG   . ARG A 1 25 ? -3.890  -7.163  -7.143  1.00 0.00 ? 26  ARG A CG   1 
ATOM   306 C  CD   . ARG A 1 25 ? -2.638  -8.027  -6.786  1.00 0.00 ? 26  ARG A CD   1 
ATOM   307 N  NE   . ARG A 1 25 ? -2.160  -8.897  -7.866  1.00 0.00 ? 26  ARG A NE   1 
ATOM   308 C  CZ   . ARG A 1 25 ? -1.243  -9.832  -7.705  1.00 0.00 ? 26  ARG A CZ   1 
ATOM   309 N  NH1  . ARG A 1 25 ? -0.676  -10.099 -6.549  1.00 0.00 ? 26  ARG A NH1  1 
ATOM   310 N  NH2  . ARG A 1 25 ? -0.865  -10.534 -8.751  1.00 0.00 ? 26  ARG A NH2  1 
ATOM   311 H  H    . ARG A 1 25 ? -6.252  -5.975  -5.336  1.00 0.00 ? 26  ARG A H    1 
ATOM   312 H  HA   . ARG A 1 25 ? -6.420  -6.775  -8.190  1.00 0.00 ? 26  ARG A HA   1 
ATOM   313 H  HB2  . ARG A 1 25 ? -5.200  -8.189  -5.761  1.00 0.00 ? 26  ARG A HB2  1 
ATOM   314 H  HB3  . ARG A 1 25 ? -5.240  -8.854  -7.414  1.00 0.00 ? 26  ARG A HB3  1 
ATOM   315 H  HG2  . ARG A 1 25 ? -3.864  -6.857  -8.202  1.00 0.00 ? 26  ARG A HG2  1 
ATOM   316 H  HG3  . ARG A 1 25 ? -3.883  -6.242  -6.535  1.00 0.00 ? 26  ARG A HG3  1 
ATOM   317 H  HD2  . ARG A 1 25 ? -1.801  -7.355  -6.538  1.00 0.00 ? 26  ARG A HD2  1 
ATOM   318 H  HD3  . ARG A 1 25 ? -2.896  -8.616  -5.893  1.00 0.00 ? 26  ARG A HD3  1 
ATOM   319 H  HE   . ARG A 1 25 ? -2.568  -8.754  -8.804  1.00 0.00 ? 26  ARG A HE   1 
ATOM   320 H  HH11 . ARG A 1 25 ? -0.906  -9.578  -5.695  1.00 0.00 ? 26  ARG A HH11 1 
ATOM   321 H  HH12 . ARG A 1 25 ? 0.029   -10.848 -6.466  1.00 0.00 ? 26  ARG A HH12 1 
ATOM   322 H  HH21 . ARG A 1 25 ? -1.262  -10.358 -9.685  1.00 0.00 ? 26  ARG A HH21 1 
ATOM   323 H  HH22 . ARG A 1 25 ? -0.147  -11.271 -8.668  1.00 0.00 ? 26  ARG A HH22 1 
ATOM   324 N  N    . ASN A 1 26 ? -7.948  -8.467  -5.717  1.00 0.00 ? 27  ASN A N    1 
ATOM   325 C  CA   . ASN A 1 26 ? -8.983  -9.473  -5.507  1.00 0.00 ? 27  ASN A CA   1 
ATOM   326 C  C    . ASN A 1 26 ? -9.594  -9.283  -4.132  1.00 0.00 ? 27  ASN A C    1 
ATOM   327 O  O    . ASN A 1 26 ? -9.535  -10.188 -3.314  1.00 0.00 ? 27  ASN A O    1 
ATOM   328 C  CB   . ASN A 1 26 ? -8.252  -10.834 -5.678  1.00 0.00 ? 27  ASN A CB   1 
ATOM   329 C  CG   . ASN A 1 26 ? -9.210  -11.964 -5.959  1.00 0.00 ? 27  ASN A CG   1 
ATOM   330 O  OD1  . ASN A 1 26 ? -9.515  -12.727 -5.056  1.00 0.00 ? 27  ASN A OD1  1 
ATOM   331 N  ND2  . ASN A 1 26 ? -9.695  -12.094 -7.214  1.00 0.00 ? 27  ASN A ND2  1 
ATOM   332 H  H    . ASN A 1 26 ? -7.346  -8.267  -4.949  1.00 0.00 ? 27  ASN A H    1 
ATOM   333 H  HA   . ASN A 1 26 ? -9.795  -9.384  -6.246  1.00 0.00 ? 27  ASN A HA   1 
ATOM   334 H  HB2  . ASN A 1 26 ? -7.561  -10.765 -6.535  1.00 0.00 ? 27  ASN A HB2  1 
ATOM   335 H  HB3  . ASN A 1 26 ? -7.635  -11.053 -4.792  1.00 0.00 ? 27  ASN A HB3  1 
ATOM   336 H  HD21 . ASN A 1 26 ? -9.435  -11.457 -7.942  1.00 0.00 ? 27  ASN A HD21 1 
ATOM   337 H  HD22 . ASN A 1 26 ? -10.323 -12.842 -7.431  1.00 0.00 ? 27  ASN A HD22 1 
ATOM   338 N  N    . GLY A 1 27 ? -10.171 -8.085  -3.864  1.00 0.00 ? 28  GLY A N    1 
ATOM   339 C  CA   . GLY A 1 27 ? -10.659 -7.763  -2.520  1.00 0.00 ? 28  GLY A CA   1 
ATOM   340 C  C    . GLY A 1 27 ? -9.599  -7.122  -1.647  1.00 0.00 ? 28  GLY A C    1 
ATOM   341 O  O    . GLY A 1 27 ? -9.942  -6.710  -0.549  1.00 0.00 ? 28  GLY A O    1 
ATOM   342 H  H    . GLY A 1 27 ? -10.207 -7.363  -4.561  1.00 0.00 ? 28  GLY A H    1 
ATOM   343 H  HA2  . GLY A 1 27 ? -11.508 -7.064  -2.593  1.00 0.00 ? 28  GLY A HA2  1 
ATOM   344 H  HA3  . GLY A 1 27 ? -11.026 -8.666  -2.008  1.00 0.00 ? 28  GLY A HA3  1 
ATOM   345 N  N    . LEU A 1 28 ? -8.321  -7.049  -2.098  1.00 0.00 ? 29  LEU A N    1 
ATOM   346 C  CA   . LEU A 1 28 ? -7.220  -6.541  -1.280  1.00 0.00 ? 29  LEU A CA   1 
ATOM   347 C  C    . LEU A 1 28 ? -6.724  -5.239  -1.883  1.00 0.00 ? 29  LEU A C    1 
ATOM   348 O  O    . LEU A 1 28 ? -6.405  -5.255  -3.059  1.00 0.00 ? 29  LEU A O    1 
ATOM   349 C  CB   . LEU A 1 28 ? -6.114  -7.630  -1.284  1.00 0.00 ? 29  LEU A CB   1 
ATOM   350 C  CG   . LEU A 1 28 ? -4.909  -7.270  -0.373  1.00 0.00 ? 29  LEU A CG   1 
ATOM   351 C  CD1  . LEU A 1 28 ? -5.319  -7.214  1.130   1.00 0.00 ? 29  LEU A CD1  1 
ATOM   352 C  CD2  . LEU A 1 28 ? -3.760  -8.292  -0.574  1.00 0.00 ? 29  LEU A CD2  1 
ATOM   353 H  H    . LEU A 1 28 ? -8.079  -7.334  -3.019  1.00 0.00 ? 29  LEU A H    1 
ATOM   354 H  HA   . LEU A 1 28 ? -7.567  -6.394  -0.247  1.00 0.00 ? 29  LEU A HA   1 
ATOM   355 H  HB2  . LEU A 1 28 ? -6.550  -8.586  -0.956  1.00 0.00 ? 29  LEU A HB2  1 
ATOM   356 H  HB3  . LEU A 1 28 ? -5.763  -7.762  -2.320  1.00 0.00 ? 29  LEU A HB3  1 
ATOM   357 H  HG   . LEU A 1 28 ? -4.534  -6.297  -0.724  1.00 0.00 ? 29  LEU A HG   1 
ATOM   358 H  HD11 . LEU A 1 28 ? -5.933  -8.090  1.390   1.00 0.00 ? 29  LEU A HD11 1 
ATOM   359 H  HD12 . LEU A 1 28 ? -5.888  -6.301  1.360   1.00 0.00 ? 29  LEU A HD12 1 
ATOM   360 H  HD13 . LEU A 1 28 ? -4.444  -7.229  1.790   1.00 0.00 ? 29  LEU A HD13 1 
ATOM   361 H  HD21 . LEU A 1 28 ? -3.510  -8.374  -1.641  1.00 0.00 ? 29  LEU A HD21 1 
ATOM   362 H  HD22 . LEU A 1 28 ? -4.063  -9.281  -0.203  1.00 0.00 ? 29  LEU A HD22 1 
ATOM   363 H  HD23 . LEU A 1 28 ? -2.856  -7.971  -0.033  1.00 0.00 ? 29  LEU A HD23 1 
ATOM   364 N  N    . TYR A 1 29 ? -6.687  -4.116  -1.123  1.00 0.00 ? 30  TYR A N    1 
ATOM   365 C  CA   . TYR A 1 29 ? -6.375  -2.787  -1.675  1.00 0.00 ? 30  TYR A CA   1 
ATOM   366 C  C    . TYR A 1 29 ? -4.894  -2.505  -1.582  1.00 0.00 ? 30  TYR A C    1 
ATOM   367 O  O    . TYR A 1 29 ? -4.396  -2.663  -0.477  1.00 0.00 ? 30  TYR A O    1 
ATOM   368 C  CB   . TYR A 1 29 ? -7.190  -1.642  -0.995  1.00 0.00 ? 30  TYR A CB   1 
ATOM   369 C  CG   . TYR A 1 29 ? -8.358  -2.298  -0.256  1.00 0.00 ? 30  TYR A CG   1 
ATOM   370 C  CD1  . TYR A 1 29 ? -9.501  -2.692  -0.952  1.00 0.00 ? 30  TYR A CD1  1 
ATOM   371 C  CD2  . TYR A 1 29 ? -8.251  -2.560  1.115   1.00 0.00 ? 30  TYR A CD2  1 
ATOM   372 C  CE1  . TYR A 1 29 ? -10.496 -3.423  -0.297  1.00 0.00 ? 30  TYR A CE1  1 
ATOM   373 C  CE2  . TYR A 1 29 ? -9.211  -3.349  1.749   1.00 0.00 ? 30  TYR A CE2  1 
ATOM   374 C  CZ   . TYR A 1 29 ? -10.342 -3.784  1.045   1.00 0.00 ? 30  TYR A CZ   1 
ATOM   375 O  OH   . TYR A 1 29 ? -11.322 -4.569  1.664   1.00 0.00 ? 30  TYR A OH   1 
ATOM   376 H  H    . TYR A 1 29 ? -6.792  -4.207  -0.137  1.00 0.00 ? 30  TYR A H    1 
ATOM   377 H  HA   . TYR A 1 29 ? -6.689  -2.783  -2.730  1.00 0.00 ? 30  TYR A HA   1 
ATOM   378 H  HB2  . TYR A 1 29 ? -6.572  -1.078  -0.280  1.00 0.00 ? 30  TYR A HB2  1 
ATOM   379 H  HB3  . TYR A 1 29 ? -7.582  -0.912  -1.720  1.00 0.00 ? 30  TYR A HB3  1 
ATOM   380 H  HD1  . TYR A 1 29 ? -9.609  -2.444  -2.003  1.00 0.00 ? 30  TYR A HD1  1 
ATOM   381 H  HD2  . TYR A 1 29 ? -7.414  -2.169  1.682   1.00 0.00 ? 30  TYR A HD2  1 
ATOM   382 H  HE1  . TYR A 1 29 ? -11.389 -3.713  -0.839  1.00 0.00 ? 30  TYR A HE1  1 
ATOM   383 H  HE2  . TYR A 1 29 ? -9.066  -3.613  2.790   1.00 0.00 ? 30  TYR A HE2  1 
ATOM   384 H  HH   . TYR A 1 29 ? -11.128 -4.791  2.568   1.00 0.00 ? 30  TYR A HH   1 
ATOM   385 N  N    . TYR A 1 30 ? -4.180  -2.089  -2.656  1.00 0.00 ? 31  TYR A N    1 
ATOM   386 C  CA   . TYR A 1 30 ? -2.799  -1.614  -2.511  1.00 0.00 ? 31  TYR A CA   1 
ATOM   387 C  C    . TYR A 1 30 ? -2.690  -0.144  -2.832  1.00 0.00 ? 31  TYR A C    1 
ATOM   388 O  O    . TYR A 1 30 ? -3.206  0.258   -3.862  1.00 0.00 ? 31  TYR A O    1 
ATOM   389 C  CB   . TYR A 1 30 ? -1.806  -2.378  -3.411  1.00 0.00 ? 31  TYR A CB   1 
ATOM   390 C  CG   . TYR A 1 30 ? -1.759  -3.856  -3.006  1.00 0.00 ? 31  TYR A CG   1 
ATOM   391 C  CD1  . TYR A 1 30 ? -1.074  -4.223  -1.848  1.00 0.00 ? 31  TYR A CD1  1 
ATOM   392 C  CD2  . TYR A 1 30 ? -2.374  -4.850  -3.776  1.00 0.00 ? 31  TYR A CD2  1 
ATOM   393 C  CE1  . TYR A 1 30 ? -0.856  -5.570  -1.544  1.00 0.00 ? 31  TYR A CE1  1 
ATOM   394 C  CE2  . TYR A 1 30 ? -2.192  -6.198  -3.451  1.00 0.00 ? 31  TYR A CE2  1 
ATOM   395 C  CZ   . TYR A 1 30 ? -1.365  -6.563  -2.385  1.00 0.00 ? 31  TYR A CZ   1 
ATOM   396 O  OH   . TYR A 1 30 ? -1.030  -7.898  -2.144  1.00 0.00 ? 31  TYR A OH   1 
ATOM   397 H  H    . TYR A 1 30 ? -4.611  -2.007  -3.556  1.00 0.00 ? 31  TYR A H    1 
ATOM   398 H  HA   . TYR A 1 30 ? -2.466  -1.728  -1.468  1.00 0.00 ? 31  TYR A HA   1 
ATOM   399 H  HB2  . TYR A 1 30 ? -2.097  -2.239  -4.459  1.00 0.00 ? 31  TYR A HB2  1 
ATOM   400 H  HB3  . TYR A 1 30 ? -0.795  -1.959  -3.306  1.00 0.00 ? 31  TYR A HB3  1 
ATOM   401 H  HD1  . TYR A 1 30 ? -0.698  -3.462  -1.181  1.00 0.00 ? 31  TYR A HD1  1 
ATOM   402 H  HD2  . TYR A 1 30 ? -2.987  -4.583  -4.625  1.00 0.00 ? 31  TYR A HD2  1 
ATOM   403 H  HE1  . TYR A 1 30 ? -0.286  -5.848  -0.665  1.00 0.00 ? 31  TYR A HE1  1 
ATOM   404 H  HE2  . TYR A 1 30 ? -2.694  -6.959  -4.034  1.00 0.00 ? 31  TYR A HE2  1 
ATOM   405 H  HH   . TYR A 1 30 ? -1.171  -8.466  -2.893  1.00 0.00 ? 31  TYR A HH   1 
ATOM   406 N  N    . CYS A 1 31 ? -2.026  0.672   -1.977  1.00 0.00 ? 32  CYS A N    1 
ATOM   407 C  CA   . CYS A 1 31 ? -1.868  2.085   -2.269  1.00 0.00 ? 32  CYS A CA   1 
ATOM   408 C  C    . CYS A 1 31 ? -1.082  2.242   -3.561  1.00 0.00 ? 32  CYS A C    1 
ATOM   409 O  O    . CYS A 1 31 ? -1.645  2.675   -4.555  1.00 0.00 ? 32  CYS A O    1 
ATOM   410 C  CB   . CYS A 1 31 ? -1.383  2.916   -1.032  1.00 0.00 ? 32  CYS A CB   1 
ATOM   411 S  SG   . CYS A 1 31 ? 0.306   2.574   -0.500  1.00 0.00 ? 32  CYS A SG   1 
ATOM   412 H  H    . CYS A 1 31 ? -1.551  0.328   -1.178  1.00 0.00 ? 32  CYS A H    1 
ATOM   413 H  HA   . CYS A 1 31 ? -2.884  2.451   -2.489  1.00 0.00 ? 32  CYS A HA   1 
ATOM   414 H  HB2  . CYS A 1 31 ? -1.415  3.991   -1.274  1.00 0.00 ? 32  CYS A HB2  1 
ATOM   415 H  HB3  . CYS A 1 31 ? -1.993  2.717   -0.143  1.00 0.00 ? 32  CYS A HB3  1 
ATOM   416 N  N    . SER A 1 32 ? 0.234   1.923   -3.546  1.00 0.00 ? 33  SER A N    1 
ATOM   417 C  CA   . SER A 1 32 ? 1.101   2.050   -4.718  1.00 0.00 ? 33  SER A CA   1 
ATOM   418 C  C    . SER A 1 32 ? 1.337   0.695   -5.340  1.00 0.00 ? 33  SER A C    1 
ATOM   419 O  O    . SER A 1 32 ? 0.954   -0.298  -4.741  1.00 0.00 ? 33  SER A O    1 
ATOM   420 C  CB   . SER A 1 32 ? 2.421   2.730   -4.265  1.00 0.00 ? 33  SER A CB   1 
ATOM   421 O  OG   . SER A 1 32 ? 3.368   2.872   -5.337  1.00 0.00 ? 33  SER A OG   1 
ATOM   422 H  H    . SER A 1 32 ? 0.616   1.414   -2.779  1.00 0.00 ? 33  SER A H    1 
ATOM   423 H  HA   . SER A 1 32 ? 0.641   2.699   -5.483  1.00 0.00 ? 33  SER A HA   1 
ATOM   424 H  HB2  . SER A 1 32 ? 2.193   3.717   -3.827  1.00 0.00 ? 33  SER A HB2  1 
ATOM   425 H  HB3  . SER A 1 32 ? 2.897   2.116   -3.486  1.00 0.00 ? 33  SER A HB3  1 
ATOM   426 H  HG   . SER A 1 32 ? 3.068   3.472   -6.012  1.00 0.00 ? 33  SER A HG   1 
ATOM   427 N  N    . GLU A 1 33 ? 2.019   0.627   -6.507  1.00 0.00 ? 34  GLU A N    1 
ATOM   428 C  CA   . GLU A 1 33 ? 2.564   -0.656  -6.947  1.00 0.00 ? 34  GLU A CA   1 
ATOM   429 C  C    . GLU A 1 33 ? 3.444   -1.216  -5.852  1.00 0.00 ? 34  GLU A C    1 
ATOM   430 O  O    . GLU A 1 33 ? 3.437   -2.424  -5.685  1.00 0.00 ? 34  GLU A O    1 
ATOM   431 C  CB   . GLU A 1 33 ? 3.458   -0.574  -8.220  1.00 0.00 ? 34  GLU A CB   1 
ATOM   432 C  CG   . GLU A 1 33 ? 2.652   -0.719  -9.537  1.00 0.00 ? 34  GLU A CG   1 
ATOM   433 C  CD   . GLU A 1 33 ? 3.538   -0.732  -10.760 1.00 0.00 ? 34  GLU A CD   1 
ATOM   434 O  OE1  . GLU A 1 33 ? 4.791   -0.789  -10.617 1.00 0.00 ? 34  GLU A OE1  1 
ATOM   435 O  OE2  . GLU A 1 33 ? 2.982   -0.694  -11.890 1.00 0.00 ? 34  GLU A OE2  1 
ATOM   436 H  H    . GLU A 1 33 ? 2.241   1.449   -7.031  1.00 0.00 ? 34  GLU A H    1 
ATOM   437 H  HA   . GLU A 1 33 ? 1.727   -1.353  -7.120  1.00 0.00 ? 34  GLU A HA   1 
ATOM   438 H  HB2  . GLU A 1 33 ? 4.039   0.363   -8.220  1.00 0.00 ? 34  GLU A HB2  1 
ATOM   439 H  HB3  . GLU A 1 33 ? 4.180   -1.407  -8.215  1.00 0.00 ? 34  GLU A HB3  1 
ATOM   440 H  HG2  . GLU A 1 33 ? 2.102   -1.675  -9.524  1.00 0.00 ? 34  GLU A HG2  1 
ATOM   441 H  HG3  . GLU A 1 33 ? 1.923   0.102   -9.615  1.00 0.00 ? 34  GLU A HG3  1 
ATOM   442 N  N    . ALA A 1 34 ? 4.214   -0.399  -5.099  1.00 0.00 ? 35  ALA A N    1 
ATOM   443 C  CA   . ALA A 1 34 ? 5.166   -0.984  -4.155  1.00 0.00 ? 35  ALA A CA   1 
ATOM   444 C  C    . ALA A 1 34 ? 4.475   -1.853  -3.128  1.00 0.00 ? 35  ALA A C    1 
ATOM   445 O  O    . ALA A 1 34 ? 5.023   -2.895  -2.806  1.00 0.00 ? 35  ALA A O    1 
ATOM   446 C  CB   . ALA A 1 34 ? 5.954   0.103   -3.384  1.00 0.00 ? 35  ALA A CB   1 
ATOM   447 H  H    . ALA A 1 34 ? 4.208   0.593   -5.234  1.00 0.00 ? 35  ALA A H    1 
ATOM   448 H  HA   . ALA A 1 34 ? 5.889   -1.585  -4.732  1.00 0.00 ? 35  ALA A HA   1 
ATOM   449 H  HB1  . ALA A 1 34 ? 6.744   -0.359  -2.775  1.00 0.00 ? 35  ALA A HB1  1 
ATOM   450 H  HB2  . ALA A 1 34 ? 5.260   0.635   -2.722  1.00 0.00 ? 35  ALA A HB2  1 
ATOM   451 H  HB3  . ALA A 1 34 ? 6.421   0.821   -4.075  1.00 0.00 ? 35  ALA A HB3  1 
ATOM   452 N  N    . CYS A 1 35 ? 3.280   -1.480  -2.611  1.00 0.00 ? 36  CYS A N    1 
ATOM   453 C  CA   . CYS A 1 35 ? 2.607   -2.360  -1.654  1.00 0.00 ? 36  CYS A CA   1 
ATOM   454 C  C    . CYS A 1 35 ? 2.023   -3.545  -2.398  1.00 0.00 ? 36  CYS A C    1 
ATOM   455 O  O    . CYS A 1 35 ? 1.858   -4.578  -1.768  1.00 0.00 ? 36  CYS A O    1 
ATOM   456 C  CB   . CYS A 1 35 ? 1.510   -1.622  -0.836  1.00 0.00 ? 36  CYS A CB   1 
ATOM   457 S  SG   . CYS A 1 35 ? 2.245   -0.185  -0.004  1.00 0.00 ? 36  CYS A SG   1 
ATOM   458 H  H    . CYS A 1 35 ? 2.837   -0.625  -2.890  1.00 0.00 ? 36  CYS A H    1 
ATOM   459 H  HA   . CYS A 1 35 ? 3.346   -2.733  -0.925  1.00 0.00 ? 36  CYS A HA   1 
ATOM   460 H  HB2  . CYS A 1 35 ? 0.711   -1.259  -1.498  1.00 0.00 ? 36  CYS A HB2  1 
ATOM   461 H  HB3  . CYS A 1 35 ? 1.080   -2.277  -0.063  1.00 0.00 ? 36  CYS A HB3  1 
ATOM   462 N  N    . ALA A 1 36 ? 1.745   -3.457  -3.722  1.00 0.00 ? 37  ALA A N    1 
ATOM   463 C  CA   . ALA A 1 36 ? 1.237   -4.617  -4.459  1.00 0.00 ? 37  ALA A CA   1 
ATOM   464 C  C    . ALA A 1 36 ? 2.368   -5.564  -4.792  1.00 0.00 ? 37  ALA A C    1 
ATOM   465 O  O    . ALA A 1 36 ? 2.144   -6.764  -4.764  1.00 0.00 ? 37  ALA A O    1 
ATOM   466 C  CB   . ALA A 1 36 ? 0.560   -4.196  -5.790  1.00 0.00 ? 37  ALA A CB   1 
ATOM   467 H  H    . ALA A 1 36 ? 1.864   -2.601  -4.225  1.00 0.00 ? 37  ALA A H    1 
ATOM   468 H  HA   . ALA A 1 36 ? 0.493   -5.152  -3.854  1.00 0.00 ? 37  ALA A HA   1 
ATOM   469 H  HB1  . ALA A 1 36 ? 0.090   -5.066  -6.275  1.00 0.00 ? 37  ALA A HB1  1 
ATOM   470 H  HB2  . ALA A 1 36 ? 1.300   -3.771  -6.483  1.00 0.00 ? 37  ALA A HB2  1 
ATOM   471 H  HB3  . ALA A 1 36 ? -0.216  -3.440  -5.603  1.00 0.00 ? 37  ALA A HB3  1 
ATOM   472 N  N    . ASP A 1 37 ? 3.591   -5.065  -5.077  1.00 0.00 ? 38  ASP A N    1 
ATOM   473 C  CA   . ASP A 1 37 ? 4.726   -5.969  -5.248  1.00 0.00 ? 38  ASP A CA   1 
ATOM   474 C  C    . ASP A 1 37 ? 5.147   -6.479  -3.890  1.00 0.00 ? 38  ASP A C    1 
ATOM   475 O  O    . ASP A 1 37 ? 5.669   -7.581  -3.821  1.00 0.00 ? 38  ASP A O    1 
ATOM   476 C  CB   . ASP A 1 37 ? 5.947   -5.228  -5.857  1.00 0.00 ? 38  ASP A CB   1 
ATOM   477 C  CG   . ASP A 1 37 ? 5.614   -4.705  -7.230  1.00 0.00 ? 38  ASP A CG   1 
ATOM   478 O  OD1  . ASP A 1 37 ? 5.607   -5.519  -8.193  1.00 0.00 ? 38  ASP A OD1  1 
ATOM   479 O  OD2  . ASP A 1 37 ? 5.358   -3.478  -7.358  1.00 0.00 ? 38  ASP A OD2  1 
ATOM   480 H  H    . ASP A 1 37 ? 3.755   -4.080  -5.117  1.00 0.00 ? 38  ASP A H    1 
ATOM   481 H  HA   . ASP A 1 37 ? 4.453   -6.808  -5.910  1.00 0.00 ? 38  ASP A HA   1 
ATOM   482 H  HB2  . ASP A 1 37 ? 6.251   -4.399  -5.196  1.00 0.00 ? 38  ASP A HB2  1 
ATOM   483 H  HB3  . ASP A 1 37 ? 6.801   -5.917  -5.948  1.00 0.00 ? 38  ASP A HB3  1 
ATOM   484 N  N    . GLY A 1 38 ? 4.931   -5.701  -2.802  1.00 0.00 ? 39  GLY A N    1 
ATOM   485 C  CA   . GLY A 1 38 ? 5.437   -6.097  -1.493  1.00 0.00 ? 39  GLY A CA   1 
ATOM   486 C  C    . GLY A 1 38 ? 6.861   -5.623  -1.327  1.00 0.00 ? 39  GLY A C    1 
ATOM   487 O  O    . GLY A 1 38 ? 7.646   -6.350  -0.739  1.00 0.00 ? 39  GLY A O    1 
ATOM   488 H  H    . GLY A 1 38 ? 4.477   -4.812  -2.863  1.00 0.00 ? 39  GLY A H    1 
ATOM   489 H  HA2  . GLY A 1 38 ? 4.829   -5.634  -0.697  1.00 0.00 ? 39  GLY A HA2  1 
ATOM   490 H  HA3  . GLY A 1 38 ? 5.373   -7.190  -1.357  1.00 0.00 ? 39  GLY A HA3  1 
ATOM   491 N  N    . HIS A 1 39 ? 7.201   -4.404  -1.815  1.00 0.00 ? 40  HIS A N    1 
ATOM   492 C  CA   . HIS A 1 39 ? 8.516   -3.827  -1.538  1.00 0.00 ? 40  HIS A CA   1 
ATOM   493 C  C    . HIS A 1 39 ? 9.601   -4.847  -1.781  1.00 0.00 ? 40  HIS A C    1 
ATOM   494 O  O    . HIS A 1 39 ? 10.437  -5.058  -0.917  1.00 0.00 ? 40  HIS A O    1 
ATOM   495 C  CB   . HIS A 1 39 ? 8.470   -3.329  -0.071  1.00 0.00 ? 40  HIS A CB   1 
ATOM   496 C  CG   . HIS A 1 39 ? 7.254   -2.462  0.149   1.00 0.00 ? 40  HIS A CG   1 
ATOM   497 N  ND1  . HIS A 1 39 ? 7.213   -1.196  -0.204  1.00 0.00 ? 40  HIS A ND1  1 
ATOM   498 C  CD2  . HIS A 1 39 ? 6.092   -2.836  0.728   1.00 0.00 ? 40  HIS A CD2  1 
ATOM   499 C  CE1  . HIS A 1 39 ? 6.076   -0.692  0.148   1.00 0.00 ? 40  HIS A CE1  1 
ATOM   500 N  NE2  . HIS A 1 39 ? 5.396   -1.581  0.704   1.00 0.00 ? 40  HIS A NE2  1 
ATOM   501 H  H    . HIS A 1 39 ? 6.547   -3.823  -2.303  1.00 0.00 ? 40  HIS A H    1 
ATOM   502 H  HA   . HIS A 1 39 ? 8.710   -2.968  -2.204  1.00 0.00 ? 40  HIS A HA   1 
ATOM   503 H  HB2  . HIS A 1 39 ? 8.402   -4.194  0.605   1.00 0.00 ? 40  HIS A HB2  1 
ATOM   504 H  HB3  . HIS A 1 39 ? 9.383   -2.768  0.186   1.00 0.00 ? 40  HIS A HB3  1 
ATOM   505 H  HD1  . HIS A 1 39 ? 7.980   -0.678  -0.661  1.00 0.00 ? 40  HIS A HD1  1 
ATOM   506 H  HD2  . HIS A 1 39 ? 5.770   -3.793  1.123   1.00 0.00 ? 40  HIS A HD2  1 
ATOM   507 H  HE1  . HIS A 1 39 ? 5.731   0.330   0.024   1.00 0.00 ? 40  HIS A HE1  1 
ATOM   508 N  N    . THR A 1 40 ? 9.569   -5.525  -2.949  1.00 0.00 ? 41  THR A N    1 
ATOM   509 C  CA   . THR A 1 40 ? 10.485  -6.642  -3.171  1.00 0.00 ? 41  THR A CA   1 
ATOM   510 C  C    . THR A 1 40 ? 11.912  -6.162  -3.081  1.00 0.00 ? 41  THR A C    1 
ATOM   511 O  O    . THR A 1 40 ? 12.171  -5.032  -3.458  1.00 0.00 ? 41  THR A O    1 
ATOM   512 C  CB   . THR A 1 40 ? 10.297  -7.323  -4.555  1.00 0.00 ? 41  THR A CB   1 
ATOM   513 O  OG1  . THR A 1 40 ? 10.339  -6.290  -5.554  1.00 0.00 ? 41  THR A OG1  1 
ATOM   514 C  CG2  . THR A 1 40 ? 8.961   -8.112  -4.616  1.00 0.00 ? 41  THR A CG2  1 
ATOM   515 H  H    . THR A 1 40 ? 8.900   -5.295  -3.660  1.00 0.00 ? 41  THR A H    1 
ATOM   516 H  HA   . THR A 1 40 ? 10.302  -7.386  -2.376  1.00 0.00 ? 41  THR A HA   1 
ATOM   517 H  HB   . THR A 1 40 ? 11.128  -8.038  -4.715  1.00 0.00 ? 41  THR A HB   1 
ATOM   518 H  HG1  . THR A 1 40 ? 10.260  -6.635  -6.439  1.00 0.00 ? 41  THR A HG1  1 
ATOM   519 H  HG21 . THR A 1 40 ? 8.842   -8.580  -5.604  1.00 0.00 ? 41  THR A HG21 1 
ATOM   520 H  HG22 . THR A 1 40 ? 8.116   -7.432  -4.447  1.00 0.00 ? 41  THR A HG22 1 
ATOM   521 H  HG23 . THR A 1 40 ? 8.939   -8.901  -3.849  1.00 0.00 ? 41  THR A HG23 1 
ATOM   522 N  N    . GLY A 1 41 ? 12.848  -7.016  -2.602  1.00 0.00 ? 42  GLY A N    1 
ATOM   523 C  CA   . GLY A 1 41 ? 14.261  -6.648  -2.583  1.00 0.00 ? 42  GLY A CA   1 
ATOM   524 C  C    . GLY A 1 41 ? 14.514  -5.392  -1.784  1.00 0.00 ? 42  GLY A C    1 
ATOM   525 O  O    . GLY A 1 41 ? 14.868  -5.478  -0.620  1.00 0.00 ? 42  GLY A O    1 
ATOM   526 H  H    . GLY A 1 41 ? 12.608  -7.944  -2.300  1.00 0.00 ? 42  GLY A H    1 
ATOM   527 H  HA2  . GLY A 1 41 ? 14.866  -7.469  -2.153  1.00 0.00 ? 42  GLY A HA2  1 
ATOM   528 H  HA3  . GLY A 1 41 ? 14.611  -6.510  -3.619  1.00 0.00 ? 42  GLY A HA3  1 
ATOM   529 N  N    . GLY A 1 42 ? 14.368  -4.203  -2.409  1.00 0.00 ? 43  GLY A N    1 
ATOM   530 C  CA   . GLY A 1 42 ? 14.818  -2.959  -1.787  1.00 0.00 ? 43  GLY A CA   1 
ATOM   531 C  C    . GLY A 1 42 ? 13.964  -2.459  -0.645  1.00 0.00 ? 43  GLY A C    1 
ATOM   532 O  O    . GLY A 1 42 ? 13.084  -3.150  -0.153  1.00 0.00 ? 43  GLY A O    1 
ATOM   533 H  H    . GLY A 1 42 ? 14.009  -4.148  -3.342  1.00 0.00 ? 43  GLY A H    1 
ATOM   534 H  HA2  . GLY A 1 42 ? 15.814  -3.116  -1.358  1.00 0.00 ? 43  GLY A HA2  1 
ATOM   535 H  HA3  . GLY A 1 42 ? 14.910  -2.173  -2.559  1.00 0.00 ? 43  GLY A HA3  1 
ATOM   536 N  N    . SER A 1 43 ? 14.299  -1.219  -0.192  1.00 0.00 ? 44  SER A N    1 
ATOM   537 C  CA   . SER A 1 43 ? 13.900  -0.748  1.132   1.00 0.00 ? 44  SER A CA   1 
ATOM   538 C  C    . SER A 1 43 ? 12.457  -0.317  1.372   1.00 0.00 ? 44  SER A C    1 
ATOM   539 O  O    . SER A 1 43 ? 11.677  -1.102  1.876   1.00 0.00 ? 44  SER A O    1 
ATOM   540 C  CB   . SER A 1 43 ? 14.959  0.273   1.641   1.00 0.00 ? 44  SER A CB   1 
ATOM   541 O  OG   . SER A 1 43 ? 16.268  -0.224  1.293   1.00 0.00 ? 44  SER A OG   1 
ATOM   542 H  H    . SER A 1 43 ? 14.955  -0.659  -0.692  1.00 0.00 ? 44  SER A H    1 
ATOM   543 H  HA   . SER A 1 43 ? 14.036  -1.609  1.796   1.00 0.00 ? 44  SER A HA   1 
ATOM   544 H  HB2  . SER A 1 43 ? 14.820  1.251   1.153   1.00 0.00 ? 44  SER A HB2  1 
ATOM   545 H  HB3  . SER A 1 43 ? 14.900  0.384   2.736   1.00 0.00 ? 44  SER A HB3  1 
ATOM   546 H  HG   . SER A 1 43 ? 16.955  0.386   1.540   1.00 0.00 ? 44  SER A HG   1 
ATOM   547 N  N    . LYS A 1 44 ? 12.115  0.968   1.103   1.00 0.00 ? 45  LYS A N    1 
ATOM   548 C  CA   . LYS A 1 44 ? 10.985  1.599   1.787   1.00 0.00 ? 45  LYS A CA   1 
ATOM   549 C  C    . LYS A 1 44 ? 9.687   1.439   1.062   1.00 0.00 ? 45  LYS A C    1 
ATOM   550 O  O    . LYS A 1 44 ? 9.688   1.260   -0.143  1.00 0.00 ? 45  LYS A O    1 
ATOM   551 C  CB   . LYS A 1 44 ? 11.048  3.143   2.016   1.00 0.00 ? 45  LYS A CB   1 
ATOM   552 C  CG   . LYS A 1 44 ? 12.470  3.758   2.203   1.00 0.00 ? 45  LYS A CG   1 
ATOM   553 C  CD   . LYS A 1 44 ? 13.302  3.093   3.326   1.00 0.00 ? 45  LYS A CD   1 
ATOM   554 C  CE   . LYS A 1 44 ? 14.774  3.602   3.292   1.00 0.00 ? 45  LYS A CE   1 
ATOM   555 N  NZ   . LYS A 1 44 ? 15.667  2.835   4.197   1.00 0.00 ? 45  LYS A NZ   1 
ATOM   556 H  H    . LYS A 1 44 ? 12.647  1.544   0.496   1.00 0.00 ? 45  LYS A H    1 
ATOM   557 H  HA   . LYS A 1 44 ? 10.921  1.119   2.780   1.00 0.00 ? 45  LYS A HA   1 
ATOM   558 H  HB2  . LYS A 1 44 ? 10.595  3.736   1.193   1.00 0.00 ? 45  LYS A HB2  1 
ATOM   559 H  HB3  . LYS A 1 44 ? 10.412  3.336   2.902   1.00 0.00 ? 45  LYS A HB3  1 
ATOM   560 H  HG2  . LYS A 1 44 ? 13.025  3.696   1.257   1.00 0.00 ? 45  LYS A HG2  1 
ATOM   561 H  HG3  . LYS A 1 44 ? 12.412  4.829   2.457   1.00 0.00 ? 45  LYS A HG3  1 
ATOM   562 H  HD2  . LYS A 1 44 ? 12.851  3.322   4.306   1.00 0.00 ? 45  LYS A HD2  1 
ATOM   563 H  HD3  . LYS A 1 44 ? 13.277  2.007   3.197   1.00 0.00 ? 45  LYS A HD3  1 
ATOM   564 H  HE2  . LYS A 1 44 ? 15.166  3.533   2.264   1.00 0.00 ? 45  LYS A HE2  1 
ATOM   565 H  HE3  . LYS A 1 44 ? 14.783  4.674   3.552   1.00 0.00 ? 45  LYS A HE3  1 
ATOM   566 H  HZ1  . LYS A 1 44 ? 16.394  2.254   3.650   1.00 0.00 ? 45  LYS A HZ1  1 
ATOM   567 H  HZ2  . LYS A 1 44 ? 16.276  3.490   4.803   1.00 0.00 ? 45  LYS A HZ2  1 
ATOM   568 H  HZ3  . LYS A 1 44 ? 15.157  2.147   4.858   1.00 0.00 ? 45  LYS A HZ3  1 
ATOM   569 N  N    . GLY A 1 45 ? 8.584   1.634   1.814   1.00 0.00 ? 46  GLY A N    1 
ATOM   570 C  CA   . GLY A 1 45 ? 7.586   2.616   1.404   1.00 0.00 ? 46  GLY A CA   1 
ATOM   571 C  C    . GLY A 1 45 ? 7.014   2.669   0.013   1.00 0.00 ? 46  GLY A C    1 
ATOM   572 O  O    . GLY A 1 45 ? 7.391   1.948   -0.894  1.00 0.00 ? 46  GLY A O    1 
ATOM   573 H  H    . GLY A 1 45 ? 8.610   1.473   2.806   1.00 0.00 ? 46  GLY A H    1 
ATOM   574 H  HA2  . GLY A 1 45 ? 6.706   2.477   2.046   1.00 0.00 ? 46  GLY A HA2  1 
ATOM   575 H  HA3  . GLY A 1 45 ? 8.021   3.601   1.615   1.00 0.00 ? 46  GLY A HA3  1 
ATOM   576 N  N    . CYS A 1 46 ? 5.990   3.551   -0.063  1.00 0.00 ? 47  CYS A N    1 
ATOM   577 C  CA   . CYS A 1 46 ? 5.013   3.556   -1.144  1.00 0.00 ? 47  CYS A CA   1 
ATOM   578 C  C    . CYS A 1 46 ? 5.018   4.779   -2.028  1.00 0.00 ? 47  CYS A C    1 
ATOM   579 O  O    . CYS A 1 46 ? 3.971   5.106   -2.561  1.00 0.00 ? 47  CYS A O    1 
ATOM   580 C  CB   . CYS A 1 46 ? 3.674   3.096   -0.507  1.00 0.00 ? 47  CYS A CB   1 
ATOM   581 S  SG   . CYS A 1 46 ? 3.369   3.991   1.050   1.00 0.00 ? 47  CYS A SG   1 
ATOM   582 H  H    . CYS A 1 46 ? 5.881   4.254   0.642   1.00 0.00 ? 47  CYS A H    1 
ATOM   583 H  HA   . CYS A 1 46 ? 5.280   2.788   -1.879  1.00 0.00 ? 47  CYS A HA   1 
ATOM   584 H  HB2  . CYS A 1 46 ? 2.840   3.231   -1.214  1.00 0.00 ? 47  CYS A HB2  1 
ATOM   585 H  HB3  . CYS A 1 46 ? 3.750   2.034   -0.237  1.00 0.00 ? 47  CYS A HB3  1 
ATOM   586 N  N    . GLY A 1 47 ? 6.155   5.485   -2.221  1.00 0.00 ? 48  GLY A N    1 
ATOM   587 C  CA   . GLY A 1 47 ? 6.168   6.615   -3.159  1.00 0.00 ? 48  GLY A CA   1 
ATOM   588 C  C    . GLY A 1 47 ? 5.541   7.895   -2.650  1.00 0.00 ? 48  GLY A C    1 
ATOM   589 O  O    . GLY A 1 47 ? 5.776   8.905   -3.295  1.00 0.00 ? 48  GLY A O    1 
ATOM   590 H  H    . GLY A 1 47 ? 7.003   5.240   -1.742  1.00 0.00 ? 48  GLY A H    1 
ATOM   591 H  HA2  . GLY A 1 47 ? 7.215   6.844   -3.423  1.00 0.00 ? 48  GLY A HA2  1 
ATOM   592 H  HA3  . GLY A 1 47 ? 5.657   6.322   -4.087  1.00 0.00 ? 48  GLY A HA3  1 
ATOM   593 N  N    . HIS A 1 48 ? 4.766   7.909   -1.540  1.00 0.00 ? 49  HIS A N    1 
ATOM   594 C  CA   . HIS A 1 48 ? 4.277   9.158   -0.949  1.00 0.00 ? 49  HIS A CA   1 
ATOM   595 C  C    . HIS A 1 48 ? 4.980   9.288   0.390   1.00 0.00 ? 49  HIS A C    1 
ATOM   596 O  O    . HIS A 1 48 ? 5.855   8.480   0.660   1.00 0.00 ? 49  HIS A O    1 
ATOM   597 C  CB   . HIS A 1 48 ? 2.724   9.268   -1.054  1.00 0.00 ? 49  HIS A CB   1 
ATOM   598 C  CG   . HIS A 1 48 ? 2.076   7.914   -0.983  1.00 0.00 ? 49  HIS A CG   1 
ATOM   599 N  ND1  . HIS A 1 48 ? 1.501   7.287   -1.991  1.00 0.00 ? 49  HIS A ND1  1 
ATOM   600 C  CD2  . HIS A 1 48 ? 2.036   7.173   0.131   1.00 0.00 ? 49  HIS A CD2  1 
ATOM   601 C  CE1  . HIS A 1 48 ? 1.089   6.122   -1.592  1.00 0.00 ? 49  HIS A CE1  1 
ATOM   602 N  NE2  . HIS A 1 48 ? 1.369   6.012   -0.379  1.00 0.00 ? 49  HIS A NE2  1 
ATOM   603 H  H    . HIS A 1 48 ? 4.578   7.069   -1.031  1.00 0.00 ? 49  HIS A H    1 
ATOM   604 H  HA   . HIS A 1 48 ? 4.680   10.032  -1.479  1.00 0.00 ? 49  HIS A HA   1 
ATOM   605 H  HB2  . HIS A 1 48 ? 2.294   9.908   -0.272  1.00 0.00 ? 49  HIS A HB2  1 
ATOM   606 H  HB3  . HIS A 1 48 ? 2.448   9.710   -2.024  1.00 0.00 ? 49  HIS A HB3  1 
ATOM   607 H  HD1  . HIS A 1 48 ? 1.408   7.648   -2.950  1.00 0.00 ? 49  HIS A HD1  1 
ATOM   608 H  HD2  . HIS A 1 48 ? 2.417   7.373   1.132   1.00 0.00 ? 49  HIS A HD2  1 
ATOM   609 H  HE1  . HIS A 1 48 ? 0.599   5.349   -2.185  1.00 0.00 ? 49  HIS A HE1  1 
ATOM   610 N  N    . THR A 1 49 ? 4.701   10.320  1.219   1.00 0.00 ? 50  THR A N    1 
ATOM   611 C  CA   . THR A 1 49 ? 5.708   10.755  2.188   1.00 0.00 ? 50  THR A CA   1 
ATOM   612 C  C    . THR A 1 49 ? 5.862   9.890   3.425   1.00 0.00 ? 50  THR A C    1 
ATOM   613 O  O    . THR A 1 49 ? 4.858   9.543   4.027   1.00 0.00 ? 50  THR A O    1 
ATOM   614 C  CB   . THR A 1 49 ? 5.560   12.248  2.608   1.00 0.00 ? 50  THR A CB   1 
ATOM   615 O  OG1  . THR A 1 49 ? 6.732   12.644  3.349   1.00 0.00 ? 50  THR A OG1  1 
ATOM   616 C  CG2  . THR A 1 49 ? 4.333   12.523  3.517   1.00 0.00 ? 50  THR A CG2  1 
ATOM   617 H  H    . THR A 1 49 ? 3.885   10.880  1.084   1.00 0.00 ? 50  THR A H    1 
ATOM   618 H  HA   . THR A 1 49 ? 6.658   10.748  1.626   1.00 0.00 ? 50  THR A HA   1 
ATOM   619 H  HB   . THR A 1 49 ? 5.548   12.913  1.731   1.00 0.00 ? 50  THR A HB   1 
ATOM   620 H  HG1  . THR A 1 49 ? 6.911   12.105  4.110   1.00 0.00 ? 50  THR A HG1  1 
ATOM   621 H  HG21 . THR A 1 49 ? 4.456   12.059  4.506   1.00 0.00 ? 50  THR A HG21 1 
ATOM   622 H  HG22 . THR A 1 49 ? 3.402   12.145  3.072   1.00 0.00 ? 50  THR A HG22 1 
ATOM   623 H  HG23 . THR A 1 49 ? 4.225   13.607  3.664   1.00 0.00 ? 50  THR A HG23 1 
ATOM   624 N  N    . GLY A 1 50 ? 7.117   9.570   3.834   1.00 0.00 ? 51  GLY A N    1 
ATOM   625 C  CA   . GLY A 1 50 ? 7.372   9.026   5.166   1.00 0.00 ? 51  GLY A CA   1 
ATOM   626 C  C    . GLY A 1 50 ? 6.653   7.763   5.568   1.00 0.00 ? 51  GLY A C    1 
ATOM   627 O  O    . GLY A 1 50 ? 6.635   7.497   6.760   1.00 0.00 ? 51  GLY A O    1 
ATOM   628 H  H    . GLY A 1 50 ? 7.919   9.806   3.277   1.00 0.00 ? 51  GLY A H    1 
ATOM   629 H  HA2  . GLY A 1 50 ? 8.445   8.802   5.275   1.00 0.00 ? 51  GLY A HA2  1 
ATOM   630 H  HA3  . GLY A 1 50 ? 7.128   9.816   5.895   1.00 0.00 ? 51  GLY A HA3  1 
ATOM   631 N  N    . CYS A 1 51 ? 6.086   6.962   4.638   1.00 0.00 ? 52  CYS A N    1 
ATOM   632 C  CA   . CYS A 1 51 ? 5.510   5.684   5.047   1.00 0.00 ? 52  CYS A CA   1 
ATOM   633 C  C    . CYS A 1 51 ? 6.610   4.650   4.948   1.00 0.00 ? 52  CYS A C    1 
ATOM   634 O  O    . CYS A 1 51 ? 6.988   4.344   3.829   1.00 0.00 ? 52  CYS A O    1 
ATOM   635 C  CB   . CYS A 1 51 ? 4.342   5.266   4.126   1.00 0.00 ? 52  CYS A CB   1 
ATOM   636 S  SG   . CYS A 1 51 ? 3.810   3.665   4.786   1.00 0.00 ? 52  CYS A SG   1 
ATOM   637 H  H    . CYS A 1 51 ? 6.127   7.182   3.661   1.00 0.00 ? 52  CYS A H    1 
ATOM   638 H  HA   . CYS A 1 51 ? 5.095   5.745   6.069   1.00 0.00 ? 52  CYS A HA   1 
ATOM   639 H  HB2  . CYS A 1 51 ? 3.506   5.980   4.165   1.00 0.00 ? 52  CYS A HB2  1 
ATOM   640 H  HB3  . CYS A 1 51 ? 4.695   5.173   3.090   1.00 0.00 ? 52  CYS A HB3  1 
ATOM   641 N  N    . ASN A 1 52 ? 7.151   4.112   6.066   1.00 0.00 ? 53  ASN A N    1 
ATOM   642 C  CA   . ASN A 1 52 ? 8.227   3.117   5.978   1.00 0.00 ? 53  ASN A CA   1 
ATOM   643 C  C    . ASN A 1 52 ? 7.689   1.703   5.937   1.00 0.00 ? 53  ASN A C    1 
ATOM   644 O  O    . ASN A 1 52 ? 8.177   0.881   6.695   1.00 0.00 ? 53  ASN A O    1 
ATOM   645 C  CB   . ASN A 1 52 ? 9.234   3.400   7.127   1.00 0.00 ? 53  ASN A CB   1 
ATOM   646 C  CG   . ASN A 1 52 ? 10.630  2.882   6.872   1.00 0.00 ? 53  ASN A CG   1 
ATOM   647 O  OD1  . ASN A 1 52 ? 10.814  2.017   6.030   1.00 0.00 ? 53  ASN A OD1  1 
ATOM   648 N  ND2  . ASN A 1 52 ? 11.645  3.412   7.592   1.00 0.00 ? 53  ASN A ND2  1 
ATOM   649 H  H    . ASN A 1 52 ? 6.796   4.342   6.974   1.00 0.00 ? 53  ASN A H    1 
ATOM   650 H  HA   . ASN A 1 52 ? 8.786   3.229   5.035   1.00 0.00 ? 53  ASN A HA   1 
ATOM   651 H  HB2  . ASN A 1 52 ? 9.312   4.495   7.237   1.00 0.00 ? 53  ASN A HB2  1 
ATOM   652 H  HB3  . ASN A 1 52 ? 8.851   2.992   8.077   1.00 0.00 ? 53  ASN A HB3  1 
ATOM   653 H  HD21 . ASN A 1 52 ? 11.478  4.116   8.286   1.00 0.00 ? 53  ASN A HD21 1 
ATOM   654 H  HD22 . ASN A 1 52 ? 12.585  3.109   7.433   1.00 0.00 ? 53  ASN A HD22 1 
ATOM   655 N  N    . CYS A 1 53 ? 6.681   1.392   5.084   1.00 0.00 ? 54  CYS A N    1 
ATOM   656 C  CA   . CYS A 1 53 ? 6.113   0.043   5.079   1.00 0.00 ? 54  CYS A CA   1 
ATOM   657 C  C    . CYS A 1 53 ? 6.939   -0.956  4.304   1.00 0.00 ? 54  CYS A C    1 
ATOM   658 O  O    . CYS A 1 53 ? 7.322   -0.665  3.182   1.00 0.00 ? 54  CYS A O    1 
ATOM   659 C  CB   . CYS A 1 53 ? 4.675   -0.053  4.520   1.00 0.00 ? 54  CYS A CB   1 
ATOM   660 S  SG   . CYS A 1 53 ? 4.606   0.601   2.832   1.00 0.00 ? 54  CYS A SG   1 
ATOM   661 H  H    . CYS A 1 53 ? 6.313   2.073   4.454   1.00 0.00 ? 54  CYS A H    1 
ATOM   662 H  HA   . CYS A 1 53 ? 6.041   -0.257  6.135   1.00 0.00 ? 54  CYS A HA   1 
ATOM   663 H  HB2  . CYS A 1 53 ? 4.338   -1.097  4.492   1.00 0.00 ? 54  CYS A HB2  1 
ATOM   664 H  HB3  . CYS A 1 53 ? 4.026   0.520   5.180   1.00 0.00 ? 54  CYS A HB3  1 
ATOM   665 N  N    . HIS A 1 54 ? 7.215   -2.138  4.905   1.00 0.00 ? 55  HIS A N    1 
ATOM   666 C  CA   . HIS A 1 54 ? 7.885   -3.227  4.200   1.00 0.00 ? 55  HIS A CA   1 
ATOM   667 C  C    . HIS A 1 54 ? 6.804   -4.095  3.596   1.00 0.00 ? 55  HIS A C    1 
ATOM   668 O  O    . HIS A 1 54 ? 5.652   -3.704  3.685   1.00 0.00 ? 55  HIS A O    1 
ATOM   669 C  CB   . HIS A 1 54 ? 8.773   -3.998  5.214   1.00 0.00 ? 55  HIS A CB   1 
ATOM   670 C  CG   . HIS A 1 54 ? 9.349   -3.097  6.285   1.00 0.00 ? 55  HIS A CG   1 
ATOM   671 N  ND1  . HIS A 1 54 ? 9.702   -3.565  7.461   1.00 0.00 ? 55  HIS A ND1  1 
ATOM   672 C  CD2  . HIS A 1 54 ? 9.560   -1.765  6.239   1.00 0.00 ? 55  HIS A CD2  1 
ATOM   673 C  CE1  . HIS A 1 54 ? 10.124  -2.596  8.209   1.00 0.00 ? 55  HIS A CE1  1 
ATOM   674 N  NE2  . HIS A 1 54 ? 10.074  -1.523  7.559   1.00 0.00 ? 55  HIS A NE2  1 
ATOM   675 H  H    . HIS A 1 54 ? 6.854   -2.353  5.815   1.00 0.00 ? 55  HIS A H    1 
ATOM   676 H  HA   . HIS A 1 54 ? 8.525   -2.837  3.391   1.00 0.00 ? 55  HIS A HA   1 
ATOM   677 H  HB2  . HIS A 1 54 ? 8.131   -4.732  5.729   1.00 0.00 ? 55  HIS A HB2  1 
ATOM   678 H  HB3  . HIS A 1 54 ? 9.583   -4.546  4.709   1.00 0.00 ? 55  HIS A HB3  1 
ATOM   679 H  HD1  . HIS A 1 54 ? 9.637   -4.550  7.753   1.00 0.00 ? 55  HIS A HD1  1 
ATOM   680 H  HD2  . HIS A 1 54 ? 9.394   -1.018  5.459   1.00 0.00 ? 55  HIS A HD2  1 
ATOM   681 H  HE1  . HIS A 1 54 ? 10.459  -2.692  9.239   1.00 0.00 ? 55  HIS A HE1  1 
ATOM   682 N  N    . GLY A 1 55 ? 7.138   -5.274  3.016   1.00 0.00 ? 56  GLY A N    1 
ATOM   683 C  CA   . GLY A 1 55 ? 6.118   -6.195  2.525   1.00 0.00 ? 56  GLY A CA   1 
ATOM   684 C  C    . GLY A 1 55 ? 6.324   -7.529  3.176   1.00 0.00 ? 56  GLY A C    1 
ATOM   685 O  O    . GLY A 1 55 ? 5.624   -8.470  2.840   1.00 0.00 ? 56  GLY A O    1 
ATOM   686 H  H    . GLY A 1 55 ? 8.095   -5.566  2.929   1.00 0.00 ? 56  GLY A H    1 
ATOM   687 H  HA2  . GLY A 1 55 ? 5.083   -5.863  2.713   1.00 0.00 ? 56  GLY A HA2  1 
ATOM   688 H  HA3  . GLY A 1 55 ? 6.245   -6.351  1.446   1.00 0.00 ? 56  GLY A HA3  1 
HETATM 689 ZN ZN   . ZN  B 2 .  ? 0.436   0.864   1.138   1.00 0.00 ? 101 ZN  A ZN   1 
HETATM 690 ZN ZN   . ZN  C 2 .  ? 3.700   -1.190  1.557   1.00 0.00 ? 102 ZN  A ZN   1 
HETATM 691 ZN ZN   . ZN  D 2 .  ? 1.099   4.461   0.698   1.00 0.00 ? 103 ZN  A ZN   1 
HETATM 692 ZN ZN   . ZN  E 2 .  ? 3.132   2.469   2.861   1.00 0.00 ? 104 ZN  A ZN   1 
# 
